data_7XAD
#
_entry.id   7XAD
#
_cell.length_a   85.408
_cell.length_b   116.084
_cell.length_c   149.605
_cell.angle_alpha   90.000
_cell.angle_beta   90.000
_cell.angle_gamma   90.000
#
_symmetry.space_group_name_H-M   'P 21 21 21'
#
loop_
_entity.id
_entity.type
_entity.pdbx_description
1 polymer 'Programmed cell death 1 ligand 1'
2 polymer 'DBL2_02 binder'
#
loop_
_entity_poly.entity_id
_entity_poly.type
_entity_poly.pdbx_seq_one_letter_code
_entity_poly.pdbx_strand_id
1 'polypeptide(L)'
;MRIFAVFIFMTYWHLLNAFTVTVPKDLYVVEYGSNMTIECKFPVEKQLDLAALIVYWEMEDKNIIQFVHGEEDLKVQHSS
YRQRARLLKDQLSLGNAALQITDVKLQDAGVYRCMISYGGADYKRITVKVNAPYNKINQRILVVDPVTSEHELTCQAEGY
PKAEVIWTSSDHQVLSGKTTTTNSKREEKLFNVTSTLRINTTTNEIFYCTFRRLDEPENHTAELVIPELPLAHPPNER
;
A,D,F,H
2 'polypeptide(L)'
;MASNLLTSYEGSFKIQLILAKLELAKAPSQPLSQRNEELKRVEQRQDRLFDLLDQMDVEVNNSIGDASERATYKAKLREW
KKTIQSDIKRPLQSLVDSGDGSGLE
;
C,E,G,I
#
# COMPACT_ATOMS: atom_id res chain seq x y z
N ALA A 18 -34.59 9.53 47.71
CA ALA A 18 -35.09 10.40 46.65
C ALA A 18 -34.37 10.12 45.35
N PHE A 19 -34.92 10.63 44.25
CA PHE A 19 -34.35 10.44 42.92
C PHE A 19 -33.47 11.63 42.55
N THR A 20 -32.17 11.38 42.39
CA THR A 20 -31.23 12.40 41.96
C THR A 20 -30.41 11.87 40.79
N VAL A 21 -30.03 12.79 39.90
CA VAL A 21 -29.20 12.46 38.74
C VAL A 21 -27.78 12.95 39.04
N THR A 22 -26.83 12.03 38.97
CA THR A 22 -25.43 12.31 39.28
C THR A 22 -24.66 12.55 37.98
N VAL A 23 -23.85 13.60 37.98
CA VAL A 23 -23.05 13.99 36.82
C VAL A 23 -21.58 13.76 37.17
N PRO A 24 -20.85 12.92 36.42
CA PRO A 24 -19.44 12.65 36.76
C PRO A 24 -18.56 13.89 36.74
N LYS A 25 -18.86 14.87 35.89
CA LYS A 25 -18.11 16.10 35.81
C LYS A 25 -18.98 17.17 35.17
N ASP A 26 -19.02 18.35 35.78
CA ASP A 26 -19.86 19.43 35.26
C ASP A 26 -19.24 20.12 34.06
N LEU A 27 -17.91 20.10 33.93
CA LEU A 27 -17.22 20.80 32.86
C LEU A 27 -16.49 19.77 32.02
N TYR A 28 -16.80 19.74 30.72
CA TYR A 28 -16.14 18.88 29.75
C TYR A 28 -15.41 19.78 28.76
N VAL A 29 -14.08 19.64 28.72
CA VAL A 29 -13.26 20.34 27.76
C VAL A 29 -12.93 19.34 26.65
N VAL A 30 -13.47 19.58 25.46
CA VAL A 30 -13.41 18.61 24.37
C VAL A 30 -12.58 19.18 23.24
N GLU A 31 -11.63 18.39 22.74
CA GLU A 31 -10.81 18.82 21.62
C GLU A 31 -11.62 18.80 20.33
N TYR A 32 -11.29 19.73 19.43
CA TYR A 32 -11.99 19.83 18.16
C TYR A 32 -11.72 18.61 17.29
N GLY A 33 -12.77 18.10 16.65
CA GLY A 33 -12.65 16.99 15.73
C GLY A 33 -12.76 15.63 16.38
N SER A 34 -12.84 15.56 17.70
CA SER A 34 -12.95 14.30 18.41
C SER A 34 -14.42 14.00 18.71
N ASN A 35 -14.64 12.90 19.41
CA ASN A 35 -15.98 12.49 19.83
C ASN A 35 -16.15 12.85 21.30
N MET A 36 -17.37 13.27 21.65
CA MET A 36 -17.70 13.70 23.00
C MET A 36 -18.67 12.70 23.62
N THR A 37 -18.39 12.29 24.86
CA THR A 37 -19.22 11.33 25.58
C THR A 37 -19.51 11.91 26.97
N ILE A 38 -20.63 12.61 27.09
CA ILE A 38 -21.08 13.19 28.35
C ILE A 38 -22.04 12.23 29.03
N GLU A 39 -21.93 12.12 30.36
CA GLU A 39 -22.64 11.10 31.12
C GLU A 39 -23.60 11.72 32.11
N CYS A 40 -24.74 11.08 32.31
CA CYS A 40 -25.63 11.41 33.42
C CYS A 40 -26.08 10.10 34.03
N LYS A 41 -25.93 9.97 35.34
CA LYS A 41 -26.17 8.70 36.03
C LYS A 41 -27.41 8.81 36.90
N PHE A 42 -28.20 7.74 36.91
CA PHE A 42 -29.43 7.59 37.66
C PHE A 42 -29.42 6.26 38.40
N PRO A 43 -30.10 6.17 39.54
CA PRO A 43 -30.06 4.93 40.33
C PRO A 43 -30.88 3.83 39.67
N VAL A 44 -30.28 2.65 39.55
CA VAL A 44 -30.94 1.46 39.04
C VAL A 44 -30.89 0.41 40.15
N GLU A 45 -32.05 -0.16 40.48
CA GLU A 45 -32.15 -1.18 41.52
C GLU A 45 -32.49 -2.51 40.86
N LYS A 46 -31.64 -3.52 41.08
CA LYS A 46 -31.85 -4.87 40.59
C LYS A 46 -31.82 -4.95 39.06
N GLN A 47 -32.71 -4.22 38.39
CA GLN A 47 -32.82 -4.34 36.95
C GLN A 47 -33.32 -3.02 36.36
N LEU A 48 -33.25 -2.93 35.03
CA LEU A 48 -33.67 -1.75 34.29
C LEU A 48 -35.07 -1.95 33.73
N ASP A 49 -36.04 -1.27 34.34
CA ASP A 49 -37.42 -1.25 33.82
C ASP A 49 -37.43 -0.34 32.60
N LEU A 50 -37.17 -0.93 31.42
CA LEU A 50 -37.02 -0.14 30.20
C LEU A 50 -38.31 0.59 29.83
N ALA A 51 -39.47 0.01 30.15
CA ALA A 51 -40.72 0.65 29.82
C ALA A 51 -40.89 1.97 30.57
N ALA A 52 -40.46 2.01 31.83
CA ALA A 52 -40.63 3.18 32.67
C ALA A 52 -39.47 4.16 32.63
N LEU A 53 -38.47 3.91 31.78
CA LEU A 53 -37.30 4.78 31.70
C LEU A 53 -37.49 5.80 30.57
N ILE A 54 -37.29 7.07 30.90
CA ILE A 54 -37.37 8.16 29.94
C ILE A 54 -36.10 8.99 30.06
N VAL A 55 -35.39 9.15 28.94
CA VAL A 55 -34.14 9.90 28.87
C VAL A 55 -34.29 11.03 27.86
N TYR A 56 -33.92 12.24 28.26
CA TYR A 56 -34.05 13.38 27.36
C TYR A 56 -32.78 14.21 27.43
N TRP A 57 -32.24 14.53 26.26
CA TRP A 57 -31.04 15.36 26.15
C TRP A 57 -31.33 16.51 25.20
N GLU A 58 -30.89 17.70 25.62
CA GLU A 58 -31.13 18.91 24.83
C GLU A 58 -30.02 19.92 25.08
N MET A 59 -29.69 20.68 24.03
CA MET A 59 -28.73 21.78 24.14
C MET A 59 -29.31 23.05 23.52
N GLU A 60 -29.49 24.08 24.34
CA GLU A 60 -29.94 25.39 23.89
C GLU A 60 -31.24 25.31 23.12
N ASP A 61 -32.19 24.53 23.65
CA ASP A 61 -33.49 24.31 23.03
C ASP A 61 -33.38 23.55 21.71
N LYS A 62 -32.58 22.48 21.69
CA LYS A 62 -32.45 21.63 20.51
C LYS A 62 -32.59 20.18 20.98
N ASN A 63 -33.59 19.48 20.43
CA ASN A 63 -33.83 18.09 20.80
C ASN A 63 -32.69 17.21 20.29
N ILE A 64 -31.93 16.64 21.22
CA ILE A 64 -30.80 15.78 20.87
C ILE A 64 -31.28 14.33 20.99
N ILE A 65 -31.77 13.96 22.17
CA ILE A 65 -32.22 12.59 22.42
C ILE A 65 -33.58 12.63 23.11
N GLN A 66 -34.55 11.90 22.55
CA GLN A 66 -35.85 11.69 23.17
C GLN A 66 -36.09 10.18 23.23
N PHE A 67 -35.76 9.57 24.37
CA PHE A 67 -35.82 8.12 24.56
C PHE A 67 -36.99 7.78 25.48
N VAL A 68 -38.04 7.19 24.90
CA VAL A 68 -39.25 6.81 25.64
C VAL A 68 -39.57 5.35 25.31
N HIS A 69 -39.95 4.59 26.35
CA HIS A 69 -40.40 3.20 26.21
C HIS A 69 -39.37 2.32 25.51
N GLY A 70 -38.09 2.61 25.69
CA GLY A 70 -37.06 1.85 25.02
C GLY A 70 -36.85 2.18 23.56
N GLU A 71 -37.55 3.18 23.03
CA GLU A 71 -37.45 3.53 21.62
C GLU A 71 -37.08 4.99 21.47
N GLU A 72 -36.04 5.25 20.68
CA GLU A 72 -35.65 6.63 20.37
C GLU A 72 -36.62 7.26 19.40
N ASP A 73 -36.78 8.58 19.53
CA ASP A 73 -37.69 9.35 18.69
C ASP A 73 -36.83 10.16 17.73
N LEU A 74 -36.59 9.60 16.54
CA LEU A 74 -35.72 10.25 15.55
C LEU A 74 -36.42 11.35 14.77
N LYS A 75 -37.75 11.35 14.70
CA LYS A 75 -38.47 12.35 13.93
C LYS A 75 -38.45 13.72 14.60
N VAL A 76 -38.35 13.76 15.93
CA VAL A 76 -38.31 15.04 16.65
C VAL A 76 -36.88 15.60 16.74
N GLN A 77 -35.87 14.78 16.44
CA GLN A 77 -34.48 15.20 16.54
C GLN A 77 -34.17 16.37 15.60
N HIS A 78 -33.35 17.31 16.07
CA HIS A 78 -32.97 18.48 15.27
C HIS A 78 -32.15 18.04 14.05
N SER A 79 -32.21 18.83 12.97
CA SER A 79 -31.49 18.47 11.75
C SER A 79 -29.99 18.44 11.96
N SER A 80 -29.46 19.37 12.75
CA SER A 80 -28.03 19.44 12.98
C SER A 80 -27.52 18.23 13.73
N TYR A 81 -28.39 17.51 14.43
CA TYR A 81 -28.03 16.30 15.16
C TYR A 81 -28.62 15.07 14.49
N ARG A 82 -28.66 15.08 13.14
CA ARG A 82 -29.28 13.99 12.40
C ARG A 82 -28.60 12.66 12.70
N GLN A 83 -27.31 12.55 12.37
CA GLN A 83 -26.55 11.33 12.59
C GLN A 83 -25.22 11.65 13.26
N ARG A 84 -25.28 12.49 14.30
CA ARG A 84 -24.14 12.77 15.16
C ARG A 84 -24.32 12.28 16.57
N ALA A 85 -25.54 12.33 17.09
CA ALA A 85 -25.82 11.95 18.47
C ALA A 85 -26.21 10.48 18.57
N ARG A 86 -25.85 9.88 19.70
CA ARG A 86 -26.23 8.50 19.99
C ARG A 86 -26.34 8.34 21.50
N LEU A 87 -27.27 7.48 21.90
CA LEU A 87 -27.45 7.12 23.30
C LEU A 87 -26.90 5.71 23.48
N LEU A 88 -25.82 5.58 24.25
CA LEU A 88 -25.21 4.27 24.45
C LEU A 88 -26.16 3.43 25.30
N LYS A 89 -26.91 2.54 24.65
CA LYS A 89 -27.93 1.78 25.35
C LYS A 89 -27.34 0.67 26.20
N ASP A 90 -26.13 0.21 25.87
CA ASP A 90 -25.48 -0.80 26.70
C ASP A 90 -25.17 -0.27 28.09
N GLN A 91 -24.95 1.03 28.20
CA GLN A 91 -24.70 1.66 29.49
C GLN A 91 -25.98 1.98 30.25
N LEU A 92 -27.14 1.88 29.60
CA LEU A 92 -28.40 2.21 30.28
C LEU A 92 -28.68 1.24 31.42
N SER A 93 -28.33 -0.03 31.25
CA SER A 93 -28.51 -1.01 32.32
C SER A 93 -27.63 -0.68 33.52
N LEU A 94 -26.49 -0.04 33.30
CA LEU A 94 -25.56 0.28 34.38
C LEU A 94 -25.93 1.55 35.13
N GLY A 95 -27.13 2.07 34.91
CA GLY A 95 -27.54 3.32 35.55
C GLY A 95 -26.72 4.50 35.07
N ASN A 96 -26.42 4.56 33.78
CA ASN A 96 -25.61 5.64 33.22
C ASN A 96 -26.08 5.89 31.79
N ALA A 97 -26.84 6.97 31.59
CA ALA A 97 -27.25 7.41 30.28
C ALA A 97 -26.13 8.27 29.69
N ALA A 98 -25.47 7.75 28.67
CA ALA A 98 -24.31 8.40 28.07
C ALA A 98 -24.67 8.92 26.68
N LEU A 99 -24.41 10.20 26.46
CA LEU A 99 -24.63 10.85 25.18
C LEU A 99 -23.31 10.97 24.42
N GLN A 100 -23.28 10.49 23.18
CA GLN A 100 -22.10 10.52 22.34
C GLN A 100 -22.39 11.37 21.10
N ILE A 101 -21.51 12.31 20.81
CA ILE A 101 -21.61 13.17 19.64
C ILE A 101 -20.31 13.05 18.85
N THR A 102 -20.44 12.84 17.55
CA THR A 102 -19.30 12.63 16.66
C THR A 102 -18.95 13.90 15.91
N ASP A 103 -17.64 14.08 15.67
CA ASP A 103 -17.09 15.24 14.96
C ASP A 103 -17.48 16.54 15.66
N VAL A 104 -16.94 16.70 16.87
CA VAL A 104 -17.24 17.87 17.69
C VAL A 104 -16.76 19.13 16.97
N LYS A 105 -17.66 20.11 16.84
CA LYS A 105 -17.38 21.40 16.22
C LYS A 105 -17.50 22.50 17.26
N LEU A 106 -17.24 23.74 16.81
CA LEU A 106 -17.28 24.89 17.72
C LEU A 106 -18.70 25.16 18.21
N GLN A 107 -19.71 24.88 17.39
CA GLN A 107 -21.08 25.19 17.76
C GLN A 107 -21.65 24.28 18.83
N ASP A 108 -20.94 23.20 19.18
CA ASP A 108 -21.40 22.27 20.20
C ASP A 108 -21.14 22.74 21.62
N ALA A 109 -20.33 23.78 21.81
CA ALA A 109 -20.07 24.30 23.15
C ALA A 109 -21.33 24.92 23.73
N GLY A 110 -21.62 24.62 24.99
CA GLY A 110 -22.80 25.18 25.61
C GLY A 110 -23.24 24.32 26.79
N VAL A 111 -24.46 24.57 27.23
CA VAL A 111 -25.04 23.85 28.37
C VAL A 111 -25.99 22.78 27.85
N TYR A 112 -25.72 21.54 28.25
CA TYR A 112 -26.52 20.38 27.90
C TYR A 112 -27.37 20.01 29.11
N ARG A 113 -28.61 19.58 28.85
CA ARG A 113 -29.55 19.26 29.90
C ARG A 113 -29.99 17.82 29.71
N CYS A 114 -29.80 17.01 30.75
CA CYS A 114 -30.25 15.63 30.77
C CYS A 114 -31.39 15.51 31.78
N MET A 115 -32.53 15.02 31.34
CA MET A 115 -33.66 14.74 32.22
C MET A 115 -33.88 13.24 32.22
N ILE A 116 -33.89 12.63 33.39
CA ILE A 116 -34.08 11.19 33.51
C ILE A 116 -35.27 10.92 34.43
N SER A 117 -36.19 10.10 33.94
CA SER A 117 -37.41 9.68 34.63
C SER A 117 -37.39 8.16 34.72
N TYR A 118 -36.91 7.65 35.86
CA TYR A 118 -36.92 6.21 36.18
C TYR A 118 -37.52 6.11 37.57
N GLY A 119 -38.83 5.97 37.65
CA GLY A 119 -39.48 6.08 38.94
C GLY A 119 -39.61 7.56 39.24
N GLY A 120 -38.63 8.10 39.95
CA GLY A 120 -38.55 9.54 40.10
C GLY A 120 -38.00 10.21 38.86
N ALA A 121 -37.84 11.52 38.94
CA ALA A 121 -37.38 12.29 37.80
C ALA A 121 -36.54 13.46 38.26
N ASP A 122 -35.45 13.72 37.54
CA ASP A 122 -34.63 14.89 37.83
C ASP A 122 -33.83 15.26 36.58
N TYR A 123 -33.43 16.53 36.52
CA TYR A 123 -32.65 17.03 35.39
C TYR A 123 -31.39 17.72 35.90
N LYS A 124 -30.35 17.66 35.08
CA LYS A 124 -29.05 18.22 35.43
C LYS A 124 -28.45 18.92 34.20
N ARG A 125 -27.52 19.83 34.49
CA ARG A 125 -26.86 20.64 33.47
C ARG A 125 -25.38 20.31 33.42
N ILE A 126 -24.82 20.32 32.21
CA ILE A 126 -23.42 20.05 31.96
C ILE A 126 -22.89 21.10 31.00
N THR A 127 -21.78 21.74 31.33
CA THR A 127 -21.19 22.77 30.47
C THR A 127 -20.05 22.15 29.67
N VAL A 128 -20.11 22.32 28.35
CA VAL A 128 -19.15 21.74 27.42
C VAL A 128 -18.39 22.87 26.75
N LYS A 129 -17.05 22.82 26.86
CA LYS A 129 -16.14 23.76 26.23
C LYS A 129 -15.36 23.04 25.15
N VAL A 130 -15.31 23.62 23.96
CA VAL A 130 -14.68 22.98 22.81
C VAL A 130 -13.32 23.63 22.61
N ASN A 131 -12.27 22.82 22.63
CA ASN A 131 -10.91 23.28 22.40
C ASN A 131 -10.53 23.02 20.95
N ALA A 132 -9.92 24.00 20.31
CA ALA A 132 -9.49 23.91 18.92
C ALA A 132 -8.02 24.31 18.83
N PRO A 133 -7.10 23.45 19.30
CA PRO A 133 -5.68 23.79 19.25
C PRO A 133 -5.08 23.61 17.87
N TYR A 134 -3.99 24.33 17.64
CA TYR A 134 -3.23 24.24 16.39
C TYR A 134 -2.33 23.00 16.45
N ASN A 135 -2.97 21.84 16.39
CA ASN A 135 -2.29 20.55 16.50
C ASN A 135 -1.82 20.03 15.15
N LYS A 136 -2.65 20.13 14.11
CA LYS A 136 -2.30 19.65 12.78
C LYS A 136 -1.52 20.74 12.04
N ILE A 137 -0.22 20.51 11.86
CA ILE A 137 0.68 21.47 11.23
C ILE A 137 1.17 20.89 9.92
N ASN A 138 0.82 21.55 8.82
CA ASN A 138 1.29 21.18 7.48
C ASN A 138 2.48 22.04 7.10
N GLN A 139 3.48 21.42 6.48
CA GLN A 139 4.72 22.10 6.14
C GLN A 139 5.12 21.80 4.70
N ARG A 140 5.84 22.76 4.10
CA ARG A 140 6.43 22.55 2.79
C ARG A 140 7.71 23.39 2.69
N ILE A 141 8.66 22.86 1.92
CA ILE A 141 9.91 23.56 1.64
C ILE A 141 10.11 23.54 0.13
N LEU A 142 10.06 24.71 -0.48
CA LEU A 142 10.26 24.85 -1.91
C LEU A 142 11.51 25.71 -2.10
N VAL A 143 12.22 25.44 -3.18
CA VAL A 143 13.40 26.23 -3.51
C VAL A 143 12.97 27.35 -4.45
N VAL A 144 13.35 28.57 -4.10
CA VAL A 144 13.06 29.75 -4.91
C VAL A 144 14.21 30.06 -5.84
N ASP A 145 15.41 30.17 -5.28
CA ASP A 145 16.61 30.38 -6.09
C ASP A 145 17.72 29.44 -5.64
N PRO A 146 17.97 28.35 -6.38
CA PRO A 146 19.03 27.41 -5.97
C PRO A 146 20.41 28.03 -5.96
N VAL A 147 20.63 29.11 -6.72
CA VAL A 147 21.94 29.76 -6.76
C VAL A 147 22.28 30.35 -5.40
N THR A 148 21.39 31.18 -4.87
CA THR A 148 21.59 31.79 -3.56
C THR A 148 20.98 30.95 -2.46
N SER A 149 20.55 29.72 -2.78
CA SER A 149 19.92 28.83 -1.83
C SER A 149 18.73 29.50 -1.15
N GLU A 150 18.04 30.37 -1.86
CA GLU A 150 16.87 31.02 -1.30
C GLU A 150 15.73 30.02 -1.24
N HIS A 151 15.34 29.65 -0.02
CA HIS A 151 14.25 28.75 0.26
C HIS A 151 13.10 29.52 0.91
N GLU A 152 11.90 29.01 0.68
CA GLU A 152 10.70 29.51 1.34
C GLU A 152 10.11 28.37 2.15
N LEU A 153 10.03 28.57 3.44
CA LEU A 153 9.46 27.61 4.37
C LEU A 153 8.04 28.08 4.66
N THR A 154 7.09 27.16 4.63
CA THR A 154 5.70 27.51 4.84
C THR A 154 5.12 26.58 5.88
N CYS A 155 4.43 27.16 6.86
CA CYS A 155 3.73 26.40 7.88
C CYS A 155 2.29 26.88 7.94
N GLN A 156 1.36 25.93 7.91
CA GLN A 156 -0.07 26.21 7.92
C GLN A 156 -0.74 25.33 8.97
N ALA A 157 -1.56 25.95 9.81
CA ALA A 157 -2.34 25.23 10.82
C ALA A 157 -3.72 25.84 10.91
N GLU A 158 -4.67 25.08 11.46
CA GLU A 158 -6.04 25.55 11.59
C GLU A 158 -6.47 25.46 13.05
N GLY A 159 -7.05 26.54 13.57
CA GLY A 159 -7.52 26.56 14.95
C GLY A 159 -8.37 27.79 15.15
N TYR A 160 -9.02 27.87 16.31
CA TYR A 160 -9.98 28.97 16.40
C TYR A 160 -9.38 30.23 17.02
N PRO A 161 -8.84 30.21 18.24
CA PRO A 161 -8.27 31.43 18.79
C PRO A 161 -7.15 31.95 17.91
N LYS A 162 -7.23 33.25 17.58
CA LYS A 162 -6.25 33.86 16.68
C LYS A 162 -4.84 33.56 17.15
N ALA A 163 -3.98 33.15 16.22
CA ALA A 163 -2.65 32.67 16.56
C ALA A 163 -1.59 33.32 15.69
N GLU A 164 -0.36 33.31 16.20
CA GLU A 164 0.80 33.77 15.44
C GLU A 164 1.86 32.68 15.43
N VAL A 165 2.74 32.76 14.44
CA VAL A 165 3.81 31.78 14.21
C VAL A 165 5.16 32.39 14.56
N ILE A 166 5.92 31.68 15.39
CA ILE A 166 7.26 32.06 15.78
C ILE A 166 8.23 31.13 15.06
N TRP A 167 9.01 31.67 14.13
CA TRP A 167 10.01 30.88 13.42
C TRP A 167 11.34 30.92 14.16
N THR A 168 11.89 29.73 14.45
CA THR A 168 13.16 29.58 15.15
C THR A 168 14.05 28.60 14.39
N SER A 169 15.36 28.77 14.52
CA SER A 169 16.29 27.81 13.91
C SER A 169 17.25 27.26 14.97
N SER A 170 17.90 26.15 14.62
CA SER A 170 18.91 25.57 15.50
C SER A 170 20.17 26.43 15.57
N ASP A 171 20.59 26.98 14.43
CA ASP A 171 21.82 27.78 14.38
C ASP A 171 21.53 29.28 14.42
N HIS A 172 20.79 29.79 13.43
CA HIS A 172 20.46 31.21 13.38
C HIS A 172 19.54 31.63 14.52
N GLN A 173 18.99 30.67 15.27
CA GLN A 173 18.09 30.93 16.40
C GLN A 173 16.84 31.61 15.86
N VAL A 174 16.42 32.74 16.42
CA VAL A 174 15.17 33.37 16.02
C VAL A 174 15.37 34.16 14.72
N LEU A 175 14.50 33.93 13.76
CA LEU A 175 14.52 34.63 12.47
C LEU A 175 13.28 35.54 12.38
N SER A 176 12.54 35.53 11.28
CA SER A 176 11.37 36.37 11.10
C SER A 176 10.56 35.88 9.90
N GLY A 177 9.22 35.85 10.05
CA GLY A 177 8.34 35.42 8.98
C GLY A 177 7.02 36.16 8.96
N LYS A 178 6.32 36.04 7.83
CA LYS A 178 5.00 36.66 7.65
C LYS A 178 3.86 35.70 8.02
N THR A 179 2.96 36.14 8.91
CA THR A 179 1.82 35.37 9.39
C THR A 179 0.50 36.04 9.01
N THR A 180 -0.43 35.28 8.41
CA THR A 180 -1.73 35.79 7.98
C THR A 180 -2.91 35.04 8.59
N THR A 181 -4.02 35.76 8.77
CA THR A 181 -5.27 35.22 9.32
C THR A 181 -6.35 35.15 8.24
N THR A 182 -6.88 33.94 7.99
CA THR A 182 -7.94 33.74 7.02
C THR A 182 -9.08 32.91 7.61
N ASN A 183 -10.16 32.81 6.85
CA ASN A 183 -11.30 31.96 7.17
C ASN A 183 -11.06 30.56 6.61
N SER A 184 -11.60 29.55 7.28
CA SER A 184 -11.36 28.19 6.84
C SER A 184 -12.24 27.82 5.65
N LYS A 185 -11.79 26.83 4.89
CA LYS A 185 -12.52 26.30 3.75
C LYS A 185 -13.12 24.93 4.01
N ARG A 186 -12.57 24.17 4.96
CA ARG A 186 -13.08 22.84 5.26
C ARG A 186 -14.14 22.85 6.36
N GLU A 187 -14.04 23.77 7.31
CA GLU A 187 -14.81 23.68 8.55
C GLU A 187 -15.31 25.08 8.92
N GLU A 188 -15.55 25.29 10.21
CA GLU A 188 -16.26 26.47 10.70
C GLU A 188 -15.35 27.70 10.66
N LYS A 189 -15.80 28.78 11.31
CA LYS A 189 -15.18 30.10 11.23
C LYS A 189 -13.76 30.13 11.80
N LEU A 190 -13.30 29.02 12.37
CA LEU A 190 -11.94 28.99 12.89
C LEU A 190 -10.96 29.33 11.77
N PHE A 191 -9.80 29.83 12.16
CA PHE A 191 -8.89 30.47 11.22
C PHE A 191 -7.82 29.50 10.76
N ASN A 192 -7.39 29.69 9.52
CA ASN A 192 -6.31 28.93 8.90
C ASN A 192 -5.14 29.89 8.78
N VAL A 193 -4.18 29.73 9.68
CA VAL A 193 -3.03 30.61 9.79
C VAL A 193 -1.91 30.03 8.94
N THR A 194 -1.38 30.87 8.06
CA THR A 194 -0.29 30.52 7.15
C THR A 194 0.84 31.51 7.36
N SER A 195 2.03 30.97 7.61
CA SER A 195 3.22 31.78 7.78
C SER A 195 4.30 31.28 6.82
N THR A 196 4.97 32.22 6.17
CA THR A 196 6.06 31.91 5.26
C THR A 196 7.32 32.64 5.70
N LEU A 197 8.43 31.91 5.75
CA LEU A 197 9.77 32.44 6.00
C LEU A 197 10.54 32.33 4.69
N ARG A 198 11.03 33.45 4.18
CA ARG A 198 11.81 33.46 2.93
C ARG A 198 13.25 33.83 3.26
N ILE A 199 14.11 32.81 3.41
CA ILE A 199 15.49 33.06 3.77
C ILE A 199 16.38 32.12 2.97
N ASN A 200 17.67 32.47 2.92
CA ASN A 200 18.68 31.62 2.28
C ASN A 200 19.28 30.70 3.33
N THR A 201 19.09 29.40 3.14
CA THR A 201 19.49 28.38 4.09
C THR A 201 20.44 27.39 3.44
N THR A 202 20.88 26.42 4.23
CA THR A 202 21.82 25.40 3.81
C THR A 202 21.20 24.03 3.92
N THR A 203 21.90 23.03 3.41
CA THR A 203 21.40 21.66 3.46
C THR A 203 21.39 21.15 4.89
N ASN A 204 20.31 20.46 5.26
CA ASN A 204 20.16 19.85 6.58
C ASN A 204 20.26 20.89 7.70
N GLU A 205 19.89 22.12 7.43
CA GLU A 205 19.76 23.11 8.47
C GLU A 205 18.34 22.95 9.01
N ILE A 206 18.21 22.86 10.33
CA ILE A 206 16.94 22.51 10.94
C ILE A 206 16.23 23.79 11.35
N PHE A 207 14.96 23.91 10.96
CA PHE A 207 14.15 25.07 11.25
C PHE A 207 12.89 24.60 11.97
N TYR A 208 12.29 25.49 12.74
CA TYR A 208 11.11 25.19 13.53
C TYR A 208 10.08 26.29 13.31
N CYS A 209 8.82 25.89 13.23
CA CYS A 209 7.71 26.85 13.23
C CYS A 209 6.82 26.53 14.42
N THR A 210 6.56 27.53 15.26
CA THR A 210 5.84 27.35 16.51
C THR A 210 4.55 28.14 16.47
N PHE A 211 3.43 27.48 16.71
CA PHE A 211 2.12 28.11 16.73
C PHE A 211 1.76 28.44 18.17
N ARG A 212 1.54 29.74 18.42
CA ARG A 212 1.18 30.29 19.73
C ARG A 212 -0.04 31.20 19.54
N ARG A 213 -1.17 30.80 20.10
CA ARG A 213 -2.39 31.59 19.94
C ARG A 213 -2.40 32.77 20.91
N LEU A 214 -3.41 33.64 20.72
CA LEU A 214 -3.62 34.76 21.64
C LEU A 214 -4.04 34.27 23.02
N ASP A 215 -4.71 33.12 23.09
CA ASP A 215 -5.26 32.61 24.34
C ASP A 215 -4.19 31.83 25.11
N GLU A 216 -4.64 31.11 26.14
CA GLU A 216 -3.86 30.37 27.14
C GLU A 216 -3.17 29.08 26.69
N PRO A 217 -3.79 28.26 25.82
CA PRO A 217 -3.24 26.92 25.54
C PRO A 217 -1.75 26.89 25.18
N GLU A 218 -1.11 25.79 25.55
CA GLU A 218 0.31 25.59 25.28
C GLU A 218 0.56 25.46 23.78
N ASN A 219 1.75 25.90 23.37
CA ASN A 219 2.18 26.03 21.98
C ASN A 219 2.44 24.68 21.32
N HIS A 220 2.46 24.68 19.99
CA HIS A 220 2.77 23.47 19.22
C HIS A 220 3.76 23.79 18.12
N THR A 221 4.79 22.94 17.96
CA THR A 221 5.91 23.24 17.07
C THR A 221 6.13 22.12 16.06
N ALA A 222 6.39 22.51 14.81
CA ALA A 222 6.76 21.59 13.75
C ALA A 222 8.22 21.81 13.35
N GLU A 223 8.80 20.76 12.78
CA GLU A 223 10.21 20.70 12.39
C GLU A 223 10.35 20.60 10.88
N LEU A 224 11.21 21.44 10.31
CA LEU A 224 11.48 21.49 8.88
C LEU A 224 12.97 21.22 8.65
N VAL A 225 13.27 20.28 7.75
CA VAL A 225 14.65 19.94 7.41
C VAL A 225 14.85 20.15 5.91
N ILE A 226 15.85 20.96 5.56
CA ILE A 226 16.12 21.27 4.15
C ILE A 226 16.61 20.02 3.45
N PRO A 227 16.06 19.66 2.28
CA PRO A 227 16.44 18.46 1.51
C PRO A 227 17.77 18.62 0.79
N ASN B 4 -46.54 5.11 15.42
CA ASN B 4 -47.74 5.92 15.53
C ASN B 4 -47.33 7.35 15.88
N LEU B 5 -48.06 8.33 15.35
CA LEU B 5 -47.80 9.74 15.64
C LEU B 5 -48.21 10.14 17.06
N LEU B 6 -49.35 9.61 17.52
CA LEU B 6 -49.87 9.99 18.84
C LEU B 6 -48.92 9.58 19.95
N THR B 7 -48.22 8.45 19.80
CA THR B 7 -47.24 8.05 20.81
C THR B 7 -46.08 9.05 20.88
N SER B 8 -45.64 9.56 19.72
CA SER B 8 -44.61 10.60 19.72
C SER B 8 -45.10 11.83 20.46
N TYR B 9 -46.39 12.15 20.30
CA TYR B 9 -46.95 13.28 21.03
C TYR B 9 -47.01 13.01 22.53
N GLU B 10 -47.38 11.79 22.91
CA GLU B 10 -47.47 11.44 24.33
C GLU B 10 -46.12 11.55 25.00
N GLY B 11 -45.07 11.02 24.35
CA GLY B 11 -43.73 11.12 24.89
C GLY B 11 -43.28 12.57 25.05
N SER B 12 -43.47 13.38 24.01
CA SER B 12 -43.04 14.77 24.05
C SER B 12 -43.74 15.54 25.16
N PHE B 13 -45.07 15.34 25.27
CA PHE B 13 -45.84 16.04 26.30
C PHE B 13 -45.38 15.65 27.70
N LYS B 14 -45.19 14.35 27.94
CA LYS B 14 -44.77 13.92 29.27
C LYS B 14 -43.40 14.50 29.63
N ILE B 15 -42.47 14.50 28.67
CA ILE B 15 -41.13 15.01 28.96
C ILE B 15 -41.19 16.50 29.29
N GLN B 16 -41.89 17.29 28.45
CA GLN B 16 -41.98 18.73 28.70
C GLN B 16 -42.66 19.04 30.04
N LEU B 17 -43.68 18.26 30.41
CA LEU B 17 -44.37 18.51 31.67
C LEU B 17 -43.44 18.29 32.86
N ILE B 18 -42.73 17.16 32.87
CA ILE B 18 -41.82 16.88 33.98
C ILE B 18 -40.71 17.92 34.03
N LEU B 19 -40.15 18.27 32.87
CA LEU B 19 -39.06 19.24 32.84
C LEU B 19 -39.50 20.61 33.36
N ALA B 20 -40.70 21.06 32.96
CA ALA B 20 -41.18 22.35 33.44
C ALA B 20 -41.37 22.36 34.94
N LYS B 21 -41.96 21.28 35.50
CA LYS B 21 -42.14 21.25 36.94
C LYS B 21 -40.80 21.28 37.67
N LEU B 22 -39.80 20.53 37.16
CA LEU B 22 -38.50 20.54 37.81
C LEU B 22 -37.83 21.90 37.70
N GLU B 23 -38.01 22.61 36.58
CA GLU B 23 -37.40 23.92 36.45
C GLU B 23 -38.02 24.92 37.40
N LEU B 24 -39.33 24.80 37.68
CA LEU B 24 -39.93 25.67 38.69
C LEU B 24 -39.41 25.32 40.07
N ALA B 25 -39.21 24.02 40.34
CA ALA B 25 -38.70 23.62 41.65
C ALA B 25 -37.27 24.10 41.87
N LYS B 26 -36.42 24.01 40.85
CA LYS B 26 -35.01 24.40 41.00
C LYS B 26 -34.76 25.90 40.79
N ALA B 27 -35.77 26.66 40.36
CA ALA B 27 -35.52 28.09 40.14
C ALA B 27 -35.05 28.81 41.40
N PRO B 28 -35.69 28.69 42.56
CA PRO B 28 -35.24 29.45 43.73
C PRO B 28 -33.83 29.15 44.19
N SER B 29 -33.31 27.95 43.90
CA SER B 29 -31.96 27.56 44.31
C SER B 29 -30.91 27.95 43.27
N GLN B 30 -31.24 28.91 42.41
CA GLN B 30 -30.43 29.32 41.29
C GLN B 30 -30.11 30.81 41.37
N PRO B 31 -28.99 31.26 40.81
CA PRO B 31 -28.66 32.69 40.83
C PRO B 31 -29.78 33.53 40.20
N LEU B 32 -30.02 34.71 40.79
CA LEU B 32 -31.09 35.60 40.33
C LEU B 32 -30.92 35.97 38.86
N SER B 33 -29.68 36.28 38.49
CA SER B 33 -29.35 36.60 37.11
C SER B 33 -29.60 35.39 36.21
N GLN B 34 -29.13 34.22 36.64
CA GLN B 34 -29.32 33.01 35.86
C GLN B 34 -30.79 32.59 35.78
N ARG B 35 -31.59 32.90 36.82
CA ARG B 35 -32.98 32.45 36.86
C ARG B 35 -33.94 33.33 36.05
N ASN B 36 -33.61 34.62 35.86
CA ASN B 36 -34.56 35.51 35.19
C ASN B 36 -34.89 35.06 33.76
N GLU B 37 -33.98 34.35 33.09
CA GLU B 37 -34.30 33.80 31.78
C GLU B 37 -34.99 32.44 31.86
N GLU B 38 -34.65 31.64 32.87
CA GLU B 38 -35.29 30.34 33.06
C GLU B 38 -36.78 30.49 33.26
N LEU B 39 -37.20 31.59 33.90
CA LEU B 39 -38.64 31.82 34.07
C LEU B 39 -39.33 32.03 32.73
N LYS B 40 -38.62 32.62 31.75
CA LYS B 40 -39.17 32.76 30.40
C LYS B 40 -39.15 31.42 29.66
N ARG B 41 -38.11 30.62 29.88
CA ARG B 41 -38.05 29.28 29.28
C ARG B 41 -39.24 28.44 29.71
N VAL B 42 -39.63 28.55 30.97
CA VAL B 42 -40.83 27.84 31.44
C VAL B 42 -42.06 28.30 30.67
N GLU B 43 -42.14 29.60 30.37
CA GLU B 43 -43.26 30.09 29.56
C GLU B 43 -43.28 29.45 28.18
N GLN B 44 -42.10 29.20 27.61
CA GLN B 44 -42.05 28.52 26.32
C GLN B 44 -42.54 27.08 26.44
N ARG B 45 -42.14 26.41 27.52
CA ARG B 45 -42.59 25.05 27.76
C ARG B 45 -44.09 25.01 28.02
N GLN B 46 -44.60 26.04 28.69
CA GLN B 46 -46.02 26.13 28.99
C GLN B 46 -46.83 26.26 27.72
N ASP B 47 -46.41 27.15 26.81
CA ASP B 47 -47.10 27.29 25.53
C ASP B 47 -47.01 26.01 24.70
N ARG B 48 -45.85 25.35 24.76
CA ARG B 48 -45.68 24.11 24.01
C ARG B 48 -46.64 23.04 24.48
N LEU B 49 -46.88 22.95 25.79
CA LEU B 49 -47.82 21.93 26.29
C LEU B 49 -49.24 22.15 25.75
N PHE B 50 -49.69 23.42 25.71
CA PHE B 50 -51.01 23.70 25.16
C PHE B 50 -51.08 23.35 23.68
N ASP B 51 -50.01 23.64 22.93
CA ASP B 51 -50.00 23.26 21.52
C ASP B 51 -50.04 21.73 21.38
N LEU B 52 -49.36 21.01 22.28
CA LEU B 52 -49.39 19.56 22.21
C LEU B 52 -50.79 19.00 22.43
N LEU B 53 -51.51 19.50 23.44
CA LEU B 53 -52.87 19.01 23.66
C LEU B 53 -53.79 19.36 22.50
N ASP B 54 -53.70 20.60 22.00
CA ASP B 54 -54.57 21.02 20.91
C ASP B 54 -54.32 20.21 19.65
N GLN B 55 -53.08 19.77 19.42
CA GLN B 55 -52.76 18.99 18.22
C GLN B 55 -53.11 17.51 18.42
N MET B 56 -52.88 16.99 19.62
CA MET B 56 -53.34 15.64 19.95
C MET B 56 -54.83 15.51 19.72
N ASP B 57 -55.60 16.57 19.93
CA ASP B 57 -57.03 16.48 19.64
C ASP B 57 -57.28 16.14 18.18
N VAL B 58 -56.51 16.73 17.25
CA VAL B 58 -56.66 16.41 15.83
C VAL B 58 -56.32 14.94 15.59
N GLU B 59 -55.18 14.51 16.12
CA GLU B 59 -54.77 13.14 15.83
C GLU B 59 -55.67 12.10 16.49
N VAL B 60 -56.32 12.45 17.60
CA VAL B 60 -57.20 11.49 18.28
C VAL B 60 -58.30 11.02 17.34
N ASN B 61 -59.05 11.96 16.75
CA ASN B 61 -60.09 11.58 15.80
C ASN B 61 -59.51 11.02 14.51
N ASN B 62 -58.34 11.51 14.07
CA ASN B 62 -57.84 10.99 12.81
C ASN B 62 -57.23 9.60 12.95
N SER B 63 -57.00 9.14 14.17
CA SER B 63 -56.39 7.84 14.40
C SER B 63 -57.49 6.79 14.59
N ILE B 64 -57.08 5.53 14.67
CA ILE B 64 -58.05 4.43 14.74
C ILE B 64 -58.80 4.48 16.07
N GLY B 65 -59.97 3.83 16.10
CA GLY B 65 -60.76 3.70 17.31
C GLY B 65 -62.21 4.08 17.05
N ASP B 66 -62.96 4.28 18.13
CA ASP B 66 -64.37 4.60 18.03
C ASP B 66 -64.69 5.69 19.06
N ALA B 67 -65.99 5.97 19.23
CA ALA B 67 -66.39 6.96 20.24
C ALA B 67 -66.08 6.47 21.64
N SER B 68 -66.07 5.15 21.84
CA SER B 68 -65.71 4.60 23.13
C SER B 68 -64.29 5.01 23.50
N GLU B 69 -63.41 5.07 22.50
CA GLU B 69 -62.06 5.58 22.62
C GLU B 69 -61.99 7.10 22.58
N ARG B 70 -62.83 7.72 21.74
CA ARG B 70 -62.84 9.17 21.59
C ARG B 70 -63.05 9.86 22.92
N ALA B 71 -64.16 9.50 23.60
CA ALA B 71 -64.47 10.11 24.88
C ALA B 71 -63.44 9.75 25.94
N THR B 72 -62.95 8.51 25.92
CA THR B 72 -61.96 8.09 26.91
C THR B 72 -60.68 8.91 26.81
N TYR B 73 -60.18 9.10 25.59
CA TYR B 73 -58.93 9.82 25.41
C TYR B 73 -59.11 11.29 25.70
N LYS B 74 -60.23 11.87 25.27
CA LYS B 74 -60.45 13.29 25.53
C LYS B 74 -60.66 13.58 27.00
N ALA B 75 -61.23 12.63 27.76
CA ALA B 75 -61.30 12.79 29.21
C ALA B 75 -59.90 12.79 29.81
N LYS B 76 -59.02 11.93 29.30
CA LYS B 76 -57.63 11.97 29.78
C LYS B 76 -57.00 13.32 29.46
N LEU B 77 -57.32 13.87 28.29
CA LEU B 77 -56.76 15.15 27.88
C LEU B 77 -57.29 16.29 28.75
N ARG B 78 -58.57 16.24 29.16
CA ARG B 78 -59.09 17.27 30.06
C ARG B 78 -58.39 17.23 31.41
N GLU B 79 -58.17 16.02 31.95
CA GLU B 79 -57.43 15.93 33.21
C GLU B 79 -56.01 16.48 33.06
N TRP B 80 -55.35 16.17 31.93
CA TRP B 80 -54.01 16.71 31.69
C TRP B 80 -54.01 18.23 31.53
N LYS B 81 -55.05 18.78 30.88
CA LYS B 81 -55.14 20.22 30.72
C LYS B 81 -55.22 20.92 32.07
N LYS B 82 -56.06 20.41 32.96
CA LYS B 82 -56.09 20.98 34.30
C LYS B 82 -54.79 20.75 35.04
N THR B 83 -54.09 19.65 34.74
CA THR B 83 -52.78 19.43 35.33
C THR B 83 -51.79 20.52 34.92
N ILE B 84 -51.81 20.92 33.65
CA ILE B 84 -50.93 21.99 33.20
C ILE B 84 -51.26 23.29 33.92
N GLN B 85 -52.54 23.67 33.97
CA GLN B 85 -52.85 24.94 34.64
C GLN B 85 -52.59 24.92 36.13
N SER B 86 -52.69 23.76 36.78
CA SER B 86 -52.51 23.71 38.23
C SER B 86 -51.04 23.61 38.62
N ASP B 87 -50.25 22.85 37.87
CA ASP B 87 -48.86 22.59 38.23
C ASP B 87 -47.86 23.51 37.54
N ILE B 88 -48.26 24.23 36.49
CA ILE B 88 -47.28 25.02 35.74
C ILE B 88 -47.59 26.52 35.76
N LYS B 89 -48.72 26.90 35.14
CA LYS B 89 -49.00 28.32 34.91
C LYS B 89 -49.21 29.07 36.23
N ARG B 90 -50.06 28.52 37.11
CA ARG B 90 -50.37 29.11 38.40
C ARG B 90 -49.10 29.26 39.24
N PRO B 91 -48.30 28.20 39.44
CA PRO B 91 -47.05 28.40 40.19
C PRO B 91 -46.08 29.35 39.51
N LEU B 92 -46.10 29.44 38.18
CA LEU B 92 -45.20 30.33 37.46
C LEU B 92 -45.50 31.79 37.80
N GLN B 93 -46.78 32.16 37.84
CA GLN B 93 -47.12 33.54 38.20
C GLN B 93 -46.81 33.85 39.65
N SER B 94 -46.68 32.85 40.51
CA SER B 94 -46.30 33.10 41.90
C SER B 94 -44.80 33.28 42.05
N LEU B 95 -44.04 33.05 40.99
CA LEU B 95 -42.60 33.28 40.98
C LEU B 95 -42.25 34.58 40.26
N VAL B 96 -43.02 34.96 39.24
CA VAL B 96 -42.70 36.23 38.57
C VAL B 96 -42.99 37.40 39.51
N ASP B 97 -43.94 37.25 40.43
CA ASP B 97 -44.26 38.34 41.35
C ASP B 97 -43.12 38.61 42.31
N SER B 98 -42.48 37.55 42.81
CA SER B 98 -41.34 37.72 43.71
C SER B 98 -40.19 38.40 42.96
N GLY B 99 -39.63 39.43 43.58
CA GLY B 99 -38.53 40.16 42.98
C GLY B 99 -38.96 41.50 42.41
N PHE C 19 -13.08 -8.97 -25.54
CA PHE C 19 -11.61 -9.00 -25.42
C PHE C 19 -11.17 -8.28 -24.15
N THR C 20 -10.66 -9.06 -23.19
CA THR C 20 -10.19 -8.52 -21.92
C THR C 20 -8.85 -9.15 -21.58
N VAL C 21 -8.05 -8.42 -20.80
CA VAL C 21 -6.70 -8.81 -20.43
C VAL C 21 -6.71 -9.24 -18.97
N THR C 22 -6.17 -10.42 -18.69
CA THR C 22 -6.11 -10.98 -17.35
C THR C 22 -4.66 -10.96 -16.86
N VAL C 23 -4.46 -10.54 -15.61
CA VAL C 23 -3.15 -10.47 -14.99
C VAL C 23 -3.17 -11.40 -13.79
N PRO C 24 -2.14 -12.25 -13.61
CA PRO C 24 -2.17 -13.20 -12.48
C PRO C 24 -2.22 -12.54 -11.11
N LYS C 25 -1.70 -11.32 -10.97
CA LYS C 25 -1.73 -10.60 -9.70
C LYS C 25 -1.34 -9.16 -9.94
N ASP C 26 -1.89 -8.27 -9.11
CA ASP C 26 -1.63 -6.84 -9.24
C ASP C 26 -0.30 -6.43 -8.64
N LEU C 27 0.12 -7.08 -7.55
CA LEU C 27 1.30 -6.69 -6.79
C LEU C 27 2.42 -7.69 -7.01
N TYR C 28 3.58 -7.20 -7.43
CA TYR C 28 4.81 -7.99 -7.53
C TYR C 28 5.84 -7.34 -6.61
N VAL C 29 6.03 -7.92 -5.44
CA VAL C 29 7.06 -7.46 -4.51
C VAL C 29 8.33 -8.28 -4.78
N VAL C 30 9.34 -7.62 -5.34
CA VAL C 30 10.55 -8.29 -5.81
C VAL C 30 11.75 -7.68 -5.10
N GLU C 31 12.56 -8.53 -4.49
CA GLU C 31 13.80 -8.09 -3.88
C GLU C 31 14.77 -7.59 -4.94
N TYR C 32 15.55 -6.57 -4.59
CA TYR C 32 16.53 -6.00 -5.52
C TYR C 32 17.51 -7.07 -5.99
N GLY C 33 17.84 -7.01 -7.29
CA GLY C 33 18.83 -7.90 -7.86
C GLY C 33 18.33 -9.23 -8.35
N SER C 34 17.04 -9.55 -8.13
CA SER C 34 16.46 -10.81 -8.55
C SER C 34 15.76 -10.65 -9.90
N ASN C 35 15.15 -11.73 -10.36
CA ASN C 35 14.40 -11.71 -11.61
C ASN C 35 12.95 -11.33 -11.36
N MET C 36 12.27 -10.93 -12.43
CA MET C 36 10.85 -10.60 -12.36
C MET C 36 10.20 -10.97 -13.69
N THR C 37 9.11 -11.72 -13.62
CA THR C 37 8.37 -12.14 -14.82
C THR C 37 6.92 -11.72 -14.62
N ILE C 38 6.53 -10.60 -15.22
CA ILE C 38 5.15 -10.14 -15.13
C ILE C 38 4.38 -10.59 -16.37
N GLU C 39 3.22 -11.18 -16.15
CA GLU C 39 2.47 -11.86 -17.19
C GLU C 39 1.18 -11.12 -17.50
N CYS C 40 0.85 -11.04 -18.79
CA CYS C 40 -0.44 -10.52 -19.23
C CYS C 40 -1.00 -11.48 -20.26
N LYS C 41 -2.08 -12.16 -19.92
CA LYS C 41 -2.65 -13.19 -20.77
C LYS C 41 -3.77 -12.60 -21.62
N PHE C 42 -3.63 -12.72 -22.93
CA PHE C 42 -4.73 -12.39 -23.83
C PHE C 42 -5.57 -13.62 -24.07
N PRO C 43 -6.81 -13.45 -24.55
CA PRO C 43 -7.64 -14.63 -24.87
C PRO C 43 -6.93 -15.51 -25.90
N VAL C 44 -6.66 -16.75 -25.50
CA VAL C 44 -5.97 -17.69 -26.39
C VAL C 44 -6.82 -17.90 -27.64
N GLU C 45 -6.25 -17.60 -28.80
CA GLU C 45 -6.90 -17.82 -30.08
C GLU C 45 -6.28 -19.05 -30.75
N LYS C 46 -6.98 -19.58 -31.77
CA LYS C 46 -6.54 -20.80 -32.42
C LYS C 46 -5.21 -20.58 -33.14
N GLN C 47 -5.12 -19.54 -33.96
CA GLN C 47 -3.90 -19.19 -34.66
C GLN C 47 -3.45 -17.80 -34.22
N LEU C 48 -2.16 -17.52 -34.42
CA LEU C 48 -1.56 -16.26 -33.98
C LEU C 48 -1.29 -15.39 -35.19
N ASP C 49 -2.14 -14.38 -35.38
CA ASP C 49 -1.95 -13.39 -36.44
C ASP C 49 -0.91 -12.38 -35.94
N LEU C 50 0.36 -12.71 -36.17
CA LEU C 50 1.45 -11.86 -35.69
C LEU C 50 1.34 -10.44 -36.24
N ALA C 51 0.83 -10.30 -37.47
CA ALA C 51 0.59 -8.97 -38.02
C ALA C 51 -0.46 -8.23 -37.21
N ALA C 52 -1.46 -8.96 -36.70
CA ALA C 52 -2.53 -8.37 -35.89
C ALA C 52 -2.25 -8.46 -34.40
N LEU C 53 -0.99 -8.68 -34.01
CA LEU C 53 -0.60 -8.79 -32.61
C LEU C 53 0.22 -7.58 -32.21
N ILE C 54 -0.28 -6.82 -31.23
CA ILE C 54 0.44 -5.68 -30.68
C ILE C 54 0.64 -5.91 -29.18
N VAL C 55 1.89 -5.81 -28.73
CA VAL C 55 2.23 -5.93 -27.32
C VAL C 55 2.97 -4.67 -26.90
N TYR C 56 2.53 -4.05 -25.81
CA TYR C 56 3.17 -2.82 -25.35
C TYR C 56 3.29 -2.84 -23.83
N TRP C 57 4.51 -2.63 -23.36
CA TRP C 57 4.82 -2.60 -21.94
C TRP C 57 5.50 -1.27 -21.63
N GLU C 58 4.95 -0.55 -20.65
CA GLU C 58 5.56 0.70 -20.20
C GLU C 58 5.48 0.80 -18.68
N MET C 59 6.32 1.66 -18.10
CA MET C 59 6.23 1.94 -16.67
C MET C 59 5.74 3.37 -16.46
N GLU C 60 6.63 4.34 -16.59
CA GLU C 60 6.29 5.76 -16.47
C GLU C 60 7.06 6.51 -17.54
N ASP C 61 6.37 6.89 -18.62
CA ASP C 61 6.99 7.47 -19.81
C ASP C 61 8.26 6.71 -20.19
N LYS C 62 8.15 5.37 -20.16
CA LYS C 62 9.29 4.49 -20.40
C LYS C 62 8.83 3.36 -21.33
N ASN C 63 9.16 3.48 -22.60
CA ASN C 63 8.87 2.41 -23.55
C ASN C 63 9.76 1.21 -23.23
N ILE C 64 9.15 0.15 -22.70
CA ILE C 64 9.90 -1.05 -22.34
C ILE C 64 9.84 -2.04 -23.49
N ILE C 65 8.63 -2.44 -23.89
CA ILE C 65 8.46 -3.40 -24.98
C ILE C 65 7.45 -2.88 -25.98
N GLN C 66 7.83 -2.86 -27.26
CA GLN C 66 6.97 -2.45 -28.37
C GLN C 66 7.05 -3.54 -29.45
N PHE C 67 6.20 -4.55 -29.32
CA PHE C 67 6.20 -5.71 -30.22
C PHE C 67 5.04 -5.54 -31.20
N VAL C 68 5.36 -5.18 -32.44
CA VAL C 68 4.38 -4.95 -33.49
C VAL C 68 4.77 -5.77 -34.70
N HIS C 69 3.77 -6.28 -35.42
CA HIS C 69 3.94 -7.06 -36.66
C HIS C 69 4.96 -8.19 -36.50
N GLY C 70 5.06 -8.72 -35.29
CA GLY C 70 5.93 -9.86 -35.04
C GLY C 70 7.39 -9.53 -34.83
N GLU C 71 7.72 -8.27 -34.58
CA GLU C 71 9.12 -7.86 -34.42
C GLU C 71 9.23 -6.81 -33.33
N GLU C 72 10.25 -6.94 -32.49
CA GLU C 72 10.52 -5.94 -31.47
C GLU C 72 11.05 -4.66 -32.10
N ASP C 73 10.89 -3.55 -31.39
CA ASP C 73 11.35 -2.24 -31.83
C ASP C 73 12.30 -1.70 -30.76
N LEU C 74 13.59 -2.00 -30.92
CA LEU C 74 14.59 -1.54 -29.95
C LEU C 74 14.90 -0.06 -30.13
N LYS C 75 14.55 0.54 -31.28
CA LYS C 75 14.85 1.94 -31.52
C LYS C 75 14.02 2.86 -30.62
N VAL C 76 12.86 2.39 -30.16
CA VAL C 76 12.01 3.18 -29.27
C VAL C 76 12.18 2.78 -27.81
N GLN C 77 12.81 1.64 -27.53
CA GLN C 77 12.97 1.18 -26.16
C GLN C 77 13.73 2.20 -25.32
N HIS C 78 13.34 2.32 -24.06
CA HIS C 78 13.99 3.27 -23.16
C HIS C 78 15.42 2.82 -22.85
N SER C 79 16.26 3.80 -22.51
CA SER C 79 17.67 3.52 -22.27
C SER C 79 17.87 2.64 -21.04
N SER C 80 17.08 2.89 -19.99
CA SER C 80 17.27 2.16 -18.73
C SER C 80 16.91 0.68 -18.85
N TYR C 81 16.17 0.29 -19.89
CA TYR C 81 15.82 -1.11 -20.13
C TYR C 81 16.53 -1.64 -21.37
N ARG C 82 17.81 -1.28 -21.53
CA ARG C 82 18.54 -1.58 -22.76
C ARG C 82 18.67 -3.08 -22.99
N GLN C 83 19.21 -3.80 -22.00
CA GLN C 83 19.46 -5.23 -22.08
C GLN C 83 18.92 -5.94 -20.85
N ARG C 84 17.69 -5.62 -20.47
CA ARG C 84 17.07 -6.24 -19.29
C ARG C 84 15.70 -6.81 -19.63
N ALA C 85 15.00 -6.15 -20.56
CA ALA C 85 13.63 -6.51 -20.90
C ALA C 85 13.62 -7.49 -22.06
N ARG C 86 12.90 -8.60 -21.89
CA ARG C 86 12.69 -9.53 -22.99
C ARG C 86 11.26 -10.04 -22.99
N LEU C 87 10.64 -10.03 -24.17
CA LEU C 87 9.31 -10.60 -24.35
C LEU C 87 9.48 -12.03 -24.86
N LEU C 88 9.26 -12.99 -23.98
CA LEU C 88 9.42 -14.40 -24.32
C LEU C 88 8.46 -14.79 -25.45
N LYS C 89 9.01 -15.02 -26.64
CA LYS C 89 8.18 -15.29 -27.81
C LYS C 89 7.69 -16.73 -27.88
N ASP C 90 8.27 -17.63 -27.09
CA ASP C 90 7.77 -19.01 -27.07
C ASP C 90 6.39 -19.07 -26.41
N GLN C 91 6.22 -18.37 -25.29
CA GLN C 91 4.91 -18.27 -24.65
C GLN C 91 3.98 -17.29 -25.34
N LEU C 92 4.47 -16.55 -26.35
CA LEU C 92 3.60 -15.67 -27.10
C LEU C 92 2.55 -16.48 -27.86
N SER C 93 2.94 -17.64 -28.38
CA SER C 93 1.98 -18.53 -29.03
C SER C 93 1.00 -19.15 -28.04
N LEU C 94 1.38 -19.21 -26.76
CA LEU C 94 0.53 -19.81 -25.73
C LEU C 94 -0.61 -18.89 -25.30
N GLY C 95 -0.60 -17.62 -25.71
CA GLY C 95 -1.60 -16.69 -25.25
C GLY C 95 -1.21 -15.91 -24.01
N ASN C 96 0.08 -15.65 -23.82
CA ASN C 96 0.54 -14.99 -22.60
C ASN C 96 1.76 -14.14 -22.96
N ALA C 97 1.60 -12.81 -22.94
CA ALA C 97 2.74 -11.92 -23.06
C ALA C 97 3.50 -11.93 -21.74
N ALA C 98 4.71 -12.49 -21.77
CA ALA C 98 5.55 -12.58 -20.58
C ALA C 98 6.68 -11.57 -20.70
N LEU C 99 6.73 -10.63 -19.75
CA LEU C 99 7.81 -9.66 -19.67
C LEU C 99 8.82 -10.15 -18.64
N GLN C 100 10.03 -10.45 -19.11
CA GLN C 100 11.14 -10.87 -18.26
C GLN C 100 12.06 -9.68 -18.03
N ILE C 101 12.21 -9.29 -16.77
CA ILE C 101 13.11 -8.22 -16.35
C ILE C 101 14.17 -8.86 -15.46
N THR C 102 15.43 -8.65 -15.82
CA THR C 102 16.56 -9.24 -15.11
C THR C 102 17.35 -8.16 -14.39
N ASP C 103 17.89 -8.53 -13.23
CA ASP C 103 18.61 -7.59 -12.36
C ASP C 103 17.73 -6.38 -12.03
N VAL C 104 16.69 -6.66 -11.24
CA VAL C 104 15.72 -5.64 -10.89
C VAL C 104 16.40 -4.55 -10.07
N LYS C 105 16.21 -3.30 -10.48
CA LYS C 105 16.79 -2.16 -9.80
C LYS C 105 15.72 -1.45 -8.97
N LEU C 106 16.17 -0.52 -8.13
CA LEU C 106 15.26 0.17 -7.22
C LEU C 106 14.25 1.03 -7.98
N GLN C 107 14.71 1.74 -9.01
CA GLN C 107 13.83 2.60 -9.79
C GLN C 107 12.92 1.83 -10.73
N ASP C 108 12.96 0.50 -10.72
CA ASP C 108 11.99 -0.30 -11.46
C ASP C 108 10.65 -0.40 -10.75
N ALA C 109 10.57 0.06 -9.50
CA ALA C 109 9.31 0.07 -8.77
C ALA C 109 8.37 1.13 -9.34
N GLY C 110 7.13 0.74 -9.59
CA GLY C 110 6.15 1.67 -10.10
C GLY C 110 4.96 0.93 -10.69
N VAL C 111 4.18 1.68 -11.46
CA VAL C 111 2.99 1.14 -12.12
C VAL C 111 3.38 0.77 -13.55
N TYR C 112 3.25 -0.53 -13.87
CA TYR C 112 3.48 -1.05 -15.20
C TYR C 112 2.15 -1.19 -15.92
N ARG C 113 2.13 -0.85 -17.20
CA ARG C 113 0.94 -0.97 -18.02
C ARG C 113 1.24 -1.90 -19.18
N CYS C 114 0.40 -2.91 -19.34
CA CYS C 114 0.47 -3.82 -20.48
C CYS C 114 -0.76 -3.60 -21.35
N MET C 115 -0.52 -3.43 -22.65
CA MET C 115 -1.57 -3.26 -23.65
C MET C 115 -1.40 -4.36 -24.69
N ILE C 116 -2.45 -5.14 -24.92
CA ILE C 116 -2.38 -6.23 -25.89
C ILE C 116 -3.53 -6.07 -26.88
N SER C 117 -3.19 -5.96 -28.16
CA SER C 117 -4.14 -5.77 -29.24
C SER C 117 -4.12 -6.98 -30.15
N TYR C 118 -5.19 -7.78 -30.11
CA TYR C 118 -5.40 -8.90 -31.04
C TYR C 118 -6.88 -8.86 -31.40
N GLY C 119 -7.20 -8.25 -32.54
CA GLY C 119 -8.58 -7.93 -32.84
C GLY C 119 -9.00 -6.75 -31.98
N GLY C 120 -9.50 -7.03 -30.77
CA GLY C 120 -9.75 -5.99 -29.81
C GLY C 120 -8.51 -5.63 -29.03
N ALA C 121 -8.66 -4.67 -28.11
CA ALA C 121 -7.53 -4.19 -27.34
C ALA C 121 -7.95 -3.91 -25.90
N ASP C 122 -7.06 -4.25 -24.96
CA ASP C 122 -7.28 -3.90 -23.57
C ASP C 122 -5.92 -3.78 -22.89
N TYR C 123 -5.93 -3.04 -21.77
CA TYR C 123 -4.72 -2.77 -21.00
C TYR C 123 -5.03 -2.98 -19.53
N LYS C 124 -3.99 -3.37 -18.77
CA LYS C 124 -4.13 -3.51 -17.33
C LYS C 124 -2.86 -3.04 -16.64
N ARG C 125 -3.04 -2.69 -15.35
CA ARG C 125 -1.98 -2.17 -14.50
C ARG C 125 -1.43 -3.27 -13.59
N ILE C 126 -0.12 -3.20 -13.35
CA ILE C 126 0.60 -4.09 -12.45
C ILE C 126 1.50 -3.23 -11.58
N THR C 127 1.34 -3.34 -10.26
CA THR C 127 2.15 -2.54 -9.35
C THR C 127 3.34 -3.35 -8.85
N VAL C 128 4.54 -2.79 -9.00
CA VAL C 128 5.78 -3.45 -8.60
C VAL C 128 6.45 -2.61 -7.53
N LYS C 129 6.80 -3.26 -6.41
CA LYS C 129 7.53 -2.60 -5.33
C LYS C 129 8.83 -3.36 -5.10
N VAL C 130 9.93 -2.62 -5.02
CA VAL C 130 11.26 -3.20 -4.91
C VAL C 130 11.79 -2.94 -3.52
N ASN C 131 12.10 -4.01 -2.79
CA ASN C 131 12.76 -3.92 -1.49
C ASN C 131 14.21 -4.33 -1.65
N ALA C 132 15.11 -3.57 -1.02
CA ALA C 132 16.54 -3.79 -1.12
C ALA C 132 17.15 -3.96 0.27
N PRO C 133 17.01 -5.13 0.88
CA PRO C 133 17.66 -5.38 2.16
C PRO C 133 19.13 -5.71 1.98
N TYR C 134 19.89 -5.46 3.05
CA TYR C 134 21.34 -5.66 3.03
C TYR C 134 21.65 -7.14 3.33
N ASN C 135 21.30 -8.00 2.38
CA ASN C 135 21.55 -9.43 2.56
C ASN C 135 22.94 -9.84 2.09
N LYS C 136 23.59 -9.03 1.26
CA LYS C 136 24.93 -9.31 0.73
C LYS C 136 25.95 -8.61 1.62
N ILE C 137 26.38 -9.31 2.67
CA ILE C 137 27.35 -8.77 3.62
C ILE C 137 28.71 -9.38 3.31
N ASN C 138 29.65 -8.54 2.90
CA ASN C 138 31.01 -8.99 2.62
C ASN C 138 31.88 -8.75 3.85
N GLN C 139 32.72 -9.73 4.17
CA GLN C 139 33.53 -9.68 5.38
C GLN C 139 35.01 -9.81 5.04
N ARG C 140 35.84 -9.10 5.81
CA ARG C 140 37.28 -9.14 5.63
C ARG C 140 37.95 -8.93 6.97
N ILE C 141 38.88 -9.81 7.31
CA ILE C 141 39.61 -9.76 8.58
C ILE C 141 41.09 -9.59 8.26
N LEU C 142 41.69 -8.50 8.75
CA LEU C 142 43.08 -8.19 8.47
C LEU C 142 43.90 -8.19 9.75
N VAL C 143 45.08 -8.79 9.69
CA VAL C 143 46.01 -8.85 10.81
C VAL C 143 46.90 -7.60 10.71
N VAL C 144 46.64 -6.60 11.55
CA VAL C 144 47.40 -5.34 11.45
C VAL C 144 48.82 -5.54 11.96
N ASP C 145 48.96 -5.87 13.25
CA ASP C 145 50.27 -6.18 13.83
C ASP C 145 50.21 -7.47 14.62
N PRO C 146 51.00 -8.50 14.25
CA PRO C 146 51.02 -9.72 15.07
C PRO C 146 51.61 -9.51 16.44
N VAL C 147 52.56 -8.57 16.58
CA VAL C 147 53.16 -8.27 17.88
C VAL C 147 52.08 -7.89 18.88
N THR C 148 51.21 -6.95 18.50
CA THR C 148 50.09 -6.56 19.35
C THR C 148 48.96 -7.58 19.30
N SER C 149 49.05 -8.58 18.42
CA SER C 149 47.98 -9.56 18.21
C SER C 149 46.65 -8.86 17.94
N GLU C 150 46.71 -7.86 17.08
CA GLU C 150 45.57 -6.99 16.82
C GLU C 150 45.15 -7.09 15.36
N HIS C 151 43.84 -7.18 15.15
CA HIS C 151 43.24 -7.34 13.84
C HIS C 151 42.14 -6.31 13.68
N GLU C 152 41.52 -6.30 12.50
CA GLU C 152 40.35 -5.48 12.28
C GLU C 152 39.41 -6.19 11.30
N LEU C 153 38.12 -6.08 11.58
CA LEU C 153 37.08 -6.70 10.77
C LEU C 153 36.55 -5.70 9.74
N THR C 154 35.67 -6.17 8.87
CA THR C 154 35.11 -5.32 7.82
C THR C 154 33.82 -5.95 7.32
N CYS C 155 32.69 -5.26 7.52
CA CYS C 155 31.40 -5.67 7.00
C CYS C 155 30.92 -4.60 6.01
N GLN C 156 30.71 -5.01 4.76
CA GLN C 156 30.24 -4.12 3.72
C GLN C 156 28.93 -4.64 3.15
N ALA C 157 27.96 -3.75 2.97
CA ALA C 157 26.67 -4.15 2.41
C ALA C 157 26.08 -3.02 1.59
N GLU C 158 25.09 -3.39 0.75
CA GLU C 158 24.48 -2.49 -0.21
C GLU C 158 22.97 -2.64 -0.15
N GLY C 159 22.27 -1.51 -0.07
CA GLY C 159 20.82 -1.56 0.06
C GLY C 159 20.25 -0.17 0.09
N TYR C 160 18.94 -0.08 -0.17
CA TYR C 160 18.38 1.25 -0.30
C TYR C 160 18.21 1.92 1.07
N PRO C 161 17.33 1.44 1.96
CA PRO C 161 17.15 2.16 3.23
C PRO C 161 18.44 2.18 4.03
N LYS C 162 18.98 3.39 4.22
CA LYS C 162 20.24 3.57 4.93
C LYS C 162 20.26 2.76 6.21
N ALA C 163 21.20 1.81 6.28
CA ALA C 163 21.25 0.86 7.38
C ALA C 163 22.42 1.15 8.30
N GLU C 164 22.21 0.86 9.58
CA GLU C 164 23.23 1.02 10.61
C GLU C 164 23.85 -0.34 10.91
N VAL C 165 25.15 -0.33 11.22
CA VAL C 165 25.89 -1.53 11.56
C VAL C 165 26.15 -1.52 13.06
N ILE C 166 25.67 -2.56 13.74
CA ILE C 166 25.78 -2.70 15.18
C ILE C 166 26.53 -4.00 15.44
N TRP C 167 27.71 -3.90 16.04
CA TRP C 167 28.50 -5.08 16.34
C TRP C 167 28.16 -5.58 17.74
N THR C 168 28.11 -6.89 17.88
CA THR C 168 27.88 -7.53 19.17
C THR C 168 29.09 -8.38 19.56
N SER C 169 28.92 -9.21 20.58
CA SER C 169 30.03 -10.01 21.10
C SER C 169 29.63 -11.47 21.24
N SER C 170 30.46 -12.27 21.92
CA SER C 170 30.08 -13.65 22.21
C SER C 170 28.87 -13.68 23.15
N ASP C 171 28.86 -12.80 24.14
CA ASP C 171 27.69 -12.53 24.96
C ASP C 171 26.72 -11.58 24.26
N HIS C 172 26.95 -11.36 22.95
CA HIS C 172 26.15 -10.42 22.16
C HIS C 172 26.15 -9.03 22.82
N GLN C 173 27.29 -8.68 23.43
CA GLN C 173 27.43 -7.39 24.08
C GLN C 173 27.74 -6.31 23.05
N VAL C 174 27.11 -5.16 23.21
CA VAL C 174 27.25 -4.07 22.25
C VAL C 174 28.67 -3.52 22.29
N LEU C 175 29.30 -3.43 21.12
CA LEU C 175 30.66 -2.91 20.99
C LEU C 175 30.65 -1.86 19.89
N SER C 176 31.04 -0.63 20.24
CA SER C 176 31.00 0.46 19.28
C SER C 176 32.02 0.26 18.16
N GLY C 177 31.58 0.44 16.91
CA GLY C 177 32.44 0.34 15.76
C GLY C 177 32.33 1.57 14.87
N LYS C 178 33.12 1.55 13.80
CA LYS C 178 33.17 2.67 12.86
C LYS C 178 32.31 2.34 11.64
N THR C 179 31.19 3.05 11.52
CA THR C 179 30.23 2.86 10.43
C THR C 179 30.31 4.05 9.49
N THR C 180 30.86 3.84 8.28
CA THR C 180 30.93 4.86 7.26
C THR C 180 29.93 4.54 6.16
N THR C 181 29.05 5.50 5.88
CA THR C 181 27.94 5.34 4.93
C THR C 181 28.17 6.29 3.76
N THR C 182 28.22 5.74 2.55
CA THR C 182 28.27 6.57 1.35
C THR C 182 27.21 6.11 0.37
N ASN C 183 27.07 6.85 -0.72
CA ASN C 183 26.16 6.45 -1.79
C ASN C 183 26.77 5.29 -2.57
N SER C 184 26.02 4.79 -3.53
CA SER C 184 26.44 3.62 -4.29
C SER C 184 27.53 4.03 -5.29
N LYS C 185 27.92 3.09 -6.15
CA LYS C 185 28.87 3.35 -7.21
C LYS C 185 28.87 2.21 -8.22
N GLU C 188 22.81 3.74 -8.26
CA GLU C 188 21.56 4.49 -8.24
C GLU C 188 21.32 5.09 -6.85
N LYS C 189 20.06 5.03 -6.38
CA LYS C 189 19.73 5.50 -5.05
C LYS C 189 20.17 4.52 -3.96
N LEU C 190 20.87 3.45 -4.33
CA LEU C 190 21.38 2.52 -3.34
C LEU C 190 22.39 3.21 -2.44
N PHE C 191 22.49 2.72 -1.20
CA PHE C 191 23.46 3.21 -0.24
C PHE C 191 24.36 2.06 0.19
N ASN C 192 25.67 2.33 0.21
CA ASN C 192 26.69 1.37 0.57
C ASN C 192 27.22 1.71 1.95
N VAL C 193 27.14 0.75 2.87
CA VAL C 193 27.56 0.92 4.25
C VAL C 193 28.76 0.01 4.48
N THR C 194 29.89 0.60 4.86
CA THR C 194 31.11 -0.12 5.21
C THR C 194 31.43 0.16 6.67
N SER C 195 31.57 -0.90 7.46
CA SER C 195 31.84 -0.75 8.87
C SER C 195 33.05 -1.60 9.24
N THR C 196 33.97 -1.01 10.00
CA THR C 196 35.14 -1.74 10.50
C THR C 196 35.23 -1.55 12.01
N LEU C 197 35.67 -2.61 12.69
CA LEU C 197 35.86 -2.63 14.14
C LEU C 197 37.22 -3.23 14.43
N ARG C 198 38.09 -2.45 15.06
CA ARG C 198 39.49 -2.83 15.28
C ARG C 198 39.65 -3.39 16.69
N ILE C 199 40.01 -4.68 16.80
CA ILE C 199 40.07 -5.37 18.09
C ILE C 199 41.22 -6.38 18.07
N ASN C 200 41.85 -6.58 19.23
CA ASN C 200 42.88 -7.61 19.41
C ASN C 200 42.19 -8.97 19.54
N THR C 201 42.29 -9.78 18.49
CA THR C 201 41.55 -11.03 18.38
C THR C 201 42.52 -12.21 18.56
N THR C 202 41.98 -13.42 18.58
CA THR C 202 42.83 -14.57 18.86
C THR C 202 42.65 -15.69 17.82
N THR C 203 42.23 -16.87 18.26
CA THR C 203 42.09 -18.01 17.36
C THR C 203 40.70 -18.07 16.73
N ASN C 204 39.66 -18.12 17.57
CA ASN C 204 38.28 -18.15 17.09
C ASN C 204 37.39 -17.47 18.11
N GLU C 205 36.52 -16.57 17.65
CA GLU C 205 35.65 -15.81 18.53
C GLU C 205 34.34 -15.49 17.83
N ILE C 206 33.41 -14.93 18.58
CA ILE C 206 32.07 -14.62 18.10
C ILE C 206 32.01 -13.10 17.89
N PHE C 207 32.03 -12.68 16.63
CA PHE C 207 31.91 -11.27 16.26
C PHE C 207 30.79 -11.12 15.26
N TYR C 208 29.79 -10.29 15.60
CA TYR C 208 28.60 -10.08 14.77
C TYR C 208 28.52 -8.64 14.32
N CYS C 209 28.14 -8.44 13.05
CA CYS C 209 27.79 -7.14 12.51
C CYS C 209 26.35 -7.20 12.00
N THR C 210 25.49 -6.34 12.55
CA THR C 210 24.06 -6.38 12.32
C THR C 210 23.62 -5.11 11.60
N PHE C 211 22.81 -5.26 10.56
CA PHE C 211 22.31 -4.12 9.80
C PHE C 211 20.87 -3.82 10.18
N ARG C 212 20.53 -2.54 10.19
CA ARG C 212 19.17 -2.11 10.49
C ARG C 212 18.83 -0.83 9.75
N ARG C 213 17.80 -0.89 8.90
CA ARG C 213 17.35 0.28 8.14
C ARG C 213 16.95 1.45 9.04
N GLU C 218 14.14 -5.45 10.42
CA GLU C 218 14.65 -6.55 11.25
C GLU C 218 16.17 -6.46 11.37
N ASN C 219 16.85 -7.49 10.88
CA ASN C 219 18.30 -7.53 10.97
C ASN C 219 18.85 -8.48 9.92
N HIS C 220 20.15 -8.35 9.65
CA HIS C 220 20.87 -9.24 8.74
C HIS C 220 22.33 -9.27 9.20
N THR C 221 22.74 -10.40 9.76
CA THR C 221 24.04 -10.53 10.41
C THR C 221 24.83 -11.66 9.75
N ALA C 222 26.10 -11.37 9.44
CA ALA C 222 27.04 -12.38 8.96
C ALA C 222 28.06 -12.65 10.07
N GLU C 223 28.17 -13.90 10.48
CA GLU C 223 29.09 -14.26 11.56
C GLU C 223 30.53 -14.25 11.04
N LEU C 224 31.42 -13.59 11.77
CA LEU C 224 32.84 -13.52 11.41
C LEU C 224 33.62 -14.47 12.32
N VAL C 225 33.74 -15.73 11.88
CA VAL C 225 34.58 -16.67 12.61
C VAL C 225 36.02 -16.21 12.52
N ILE C 226 36.69 -16.17 13.67
CA ILE C 226 37.98 -15.48 13.77
C ILE C 226 39.07 -16.36 13.15
N PRO C 227 40.00 -15.78 12.39
CA PRO C 227 41.07 -16.58 11.79
C PRO C 227 42.27 -16.75 12.72
N GLU C 228 43.27 -17.51 12.30
CA GLU C 228 44.50 -17.66 13.07
C GLU C 228 45.62 -18.15 12.17
N ASN D 4 12.32 0.62 -41.83
CA ASN D 4 11.98 2.03 -41.96
C ASN D 4 11.81 2.73 -40.61
N LEU D 5 12.19 4.00 -40.56
CA LEU D 5 11.87 4.82 -39.40
C LEU D 5 10.37 5.09 -39.38
N LEU D 6 9.78 5.26 -40.56
CA LEU D 6 8.35 5.53 -40.66
C LEU D 6 7.52 4.38 -40.12
N THR D 7 7.95 3.14 -40.34
CA THR D 7 7.20 2.00 -39.80
C THR D 7 7.27 1.99 -38.27
N SER D 8 8.42 2.32 -37.69
CA SER D 8 8.50 2.43 -36.23
C SER D 8 7.57 3.52 -35.72
N TYR D 9 7.50 4.64 -36.44
CA TYR D 9 6.61 5.72 -36.04
C TYR D 9 5.16 5.29 -36.13
N GLU D 10 4.81 4.57 -37.21
CA GLU D 10 3.44 4.11 -37.39
C GLU D 10 3.03 3.17 -36.28
N GLY D 11 3.92 2.22 -35.92
CA GLY D 11 3.63 1.34 -34.81
C GLY D 11 3.44 2.08 -33.50
N SER D 12 4.34 3.02 -33.19
CA SER D 12 4.23 3.76 -31.94
C SER D 12 2.95 4.58 -31.89
N PHE D 13 2.61 5.26 -32.99
CA PHE D 13 1.39 6.05 -33.04
C PHE D 13 0.15 5.18 -32.88
N LYS D 14 0.11 4.03 -33.56
CA LYS D 14 -1.02 3.13 -33.46
C LYS D 14 -1.22 2.67 -32.02
N ILE D 15 -0.12 2.37 -31.31
CA ILE D 15 -0.23 1.90 -29.94
C ILE D 15 -0.76 2.99 -29.01
N GLN D 16 -0.17 4.18 -29.08
CA GLN D 16 -0.55 5.26 -28.17
C GLN D 16 -2.00 5.70 -28.38
N LEU D 17 -2.49 5.66 -29.62
CA LEU D 17 -3.88 6.05 -29.88
C LEU D 17 -4.85 5.15 -29.13
N ILE D 18 -4.65 3.83 -29.25
CA ILE D 18 -5.54 2.88 -28.59
C ILE D 18 -5.43 3.01 -27.08
N LEU D 19 -4.21 3.17 -26.56
CA LEU D 19 -4.07 3.30 -25.11
C LEU D 19 -4.79 4.54 -24.58
N ALA D 20 -4.70 5.67 -25.29
CA ALA D 20 -5.39 6.87 -24.83
C ALA D 20 -6.90 6.68 -24.86
N LYS D 21 -7.42 6.04 -25.92
CA LYS D 21 -8.87 5.83 -26.00
C LYS D 21 -9.35 4.92 -24.87
N LEU D 22 -8.60 3.85 -24.58
CA LEU D 22 -9.01 2.95 -23.51
C LEU D 22 -8.91 3.60 -22.14
N GLU D 23 -7.90 4.45 -21.92
CA GLU D 23 -7.78 5.12 -20.63
C GLU D 23 -8.91 6.14 -20.42
N LEU D 24 -9.40 6.75 -21.50
CA LEU D 24 -10.59 7.59 -21.35
C LEU D 24 -11.84 6.76 -21.06
N ALA D 25 -11.95 5.59 -21.69
CA ALA D 25 -13.11 4.74 -21.42
C ALA D 25 -13.10 4.25 -19.98
N LYS D 26 -11.93 3.88 -19.46
CA LYS D 26 -11.78 3.35 -18.11
C LYS D 26 -11.65 4.42 -17.04
N ALA D 27 -11.50 5.69 -17.41
CA ALA D 27 -11.24 6.73 -16.40
C ALA D 27 -12.39 6.96 -15.44
N PRO D 28 -13.63 7.23 -15.86
CA PRO D 28 -14.66 7.64 -14.88
C PRO D 28 -15.00 6.58 -13.84
N SER D 29 -14.87 5.30 -14.15
CA SER D 29 -15.22 4.23 -13.23
C SER D 29 -14.05 3.80 -12.34
N GLN D 30 -13.06 4.68 -12.13
CA GLN D 30 -11.84 4.33 -11.42
C GLN D 30 -11.69 5.23 -10.19
N PRO D 31 -10.98 4.77 -9.16
CA PRO D 31 -10.73 5.64 -8.00
C PRO D 31 -10.12 6.97 -8.46
N LEU D 32 -10.55 8.05 -7.79
CA LEU D 32 -10.16 9.39 -8.22
C LEU D 32 -8.64 9.52 -8.30
N SER D 33 -7.89 8.87 -7.40
CA SER D 33 -6.43 8.94 -7.48
C SER D 33 -5.89 8.22 -8.72
N GLN D 34 -6.27 6.94 -8.90
CA GLN D 34 -5.79 6.23 -10.08
C GLN D 34 -6.38 6.84 -11.35
N ARG D 35 -7.50 7.55 -11.23
CA ARG D 35 -8.09 8.18 -12.40
C ARG D 35 -7.30 9.43 -12.78
N ASN D 36 -6.88 10.21 -11.77
CA ASN D 36 -6.11 11.40 -12.08
C ASN D 36 -4.74 11.03 -12.62
N GLU D 37 -4.23 9.85 -12.23
CA GLU D 37 -2.94 9.44 -12.77
C GLU D 37 -3.07 8.93 -14.20
N GLU D 38 -4.11 8.13 -14.49
CA GLU D 38 -4.34 7.71 -15.87
C GLU D 38 -4.67 8.90 -16.75
N LEU D 39 -5.35 9.91 -16.19
CA LEU D 39 -5.71 11.10 -16.95
C LEU D 39 -4.48 11.93 -17.32
N LYS D 40 -3.60 12.18 -16.34
CA LYS D 40 -2.36 12.89 -16.67
C LYS D 40 -1.53 12.10 -17.67
N ARG D 41 -1.60 10.76 -17.60
CA ARG D 41 -0.95 9.94 -18.62
C ARG D 41 -1.48 10.25 -20.01
N VAL D 42 -2.80 10.32 -20.15
CA VAL D 42 -3.39 10.72 -21.44
C VAL D 42 -2.95 12.13 -21.83
N GLU D 43 -2.85 13.03 -20.84
CA GLU D 43 -2.39 14.39 -21.11
C GLU D 43 -0.99 14.40 -21.73
N GLN D 44 -0.14 13.49 -21.27
CA GLN D 44 1.20 13.42 -21.86
C GLN D 44 1.18 12.76 -23.23
N ARG D 45 0.38 11.70 -23.38
CA ARG D 45 0.29 11.02 -24.66
C ARG D 45 -0.31 11.88 -25.76
N GLN D 46 -1.18 12.84 -25.42
CA GLN D 46 -1.76 13.70 -26.43
C GLN D 46 -0.67 14.52 -27.13
N ASP D 47 0.21 15.12 -26.34
CA ASP D 47 1.35 15.86 -26.88
C ASP D 47 2.28 14.92 -27.62
N ARG D 48 2.45 13.70 -27.10
CA ARG D 48 3.30 12.71 -27.77
C ARG D 48 2.76 12.36 -29.16
N LEU D 49 1.45 12.22 -29.30
CA LEU D 49 0.86 11.89 -30.60
C LEU D 49 1.06 13.03 -31.59
N PHE D 50 0.89 14.27 -31.14
CA PHE D 50 1.14 15.40 -32.03
C PHE D 50 2.60 15.42 -32.46
N ASP D 51 3.50 15.09 -31.53
CA ASP D 51 4.92 15.06 -31.83
C ASP D 51 5.26 13.97 -32.84
N LEU D 52 4.57 12.82 -32.75
CA LEU D 52 4.73 11.77 -33.73
C LEU D 52 4.32 12.26 -35.11
N LEU D 53 3.22 13.02 -35.18
CA LEU D 53 2.80 13.55 -36.47
C LEU D 53 3.88 14.42 -37.09
N ASP D 54 4.48 15.32 -36.29
CA ASP D 54 5.54 16.17 -36.85
C ASP D 54 6.77 15.36 -37.28
N GLN D 55 7.23 14.43 -36.43
CA GLN D 55 8.36 13.58 -36.81
C GLN D 55 8.07 12.87 -38.13
N MET D 56 6.87 12.33 -38.27
CA MET D 56 6.50 11.66 -39.51
C MET D 56 6.47 12.62 -40.69
N ASP D 57 6.05 13.86 -40.49
CA ASP D 57 6.06 14.82 -41.61
C ASP D 57 7.48 15.02 -42.15
N VAL D 58 8.45 15.19 -41.23
CA VAL D 58 9.83 15.34 -41.69
C VAL D 58 10.31 14.06 -42.37
N GLU D 59 10.02 12.91 -41.77
CA GLU D 59 10.54 11.66 -42.30
C GLU D 59 9.87 11.31 -43.63
N VAL D 60 8.60 11.69 -43.80
CA VAL D 60 7.92 11.52 -45.09
C VAL D 60 8.61 12.38 -46.13
N ASN D 61 8.95 13.62 -45.77
CA ASN D 61 9.62 14.48 -46.74
C ASN D 61 10.95 13.87 -47.20
N ASN D 62 11.65 13.18 -46.28
CA ASN D 62 12.94 12.61 -46.63
C ASN D 62 12.92 11.17 -47.17
N SER D 63 11.86 10.40 -46.92
CA SER D 63 11.87 8.97 -47.22
C SER D 63 11.23 8.62 -48.56
N ILE D 64 10.01 9.08 -48.80
CA ILE D 64 9.33 8.82 -50.07
C ILE D 64 9.60 10.01 -50.98
N GLY D 65 10.24 9.74 -52.13
CA GLY D 65 10.66 10.82 -52.99
C GLY D 65 9.54 11.37 -53.86
N ASP D 66 8.61 10.52 -54.27
CA ASP D 66 7.51 10.94 -55.14
C ASP D 66 6.71 12.04 -54.47
N ALA D 67 6.36 13.06 -55.25
CA ALA D 67 5.55 14.16 -54.71
C ALA D 67 4.09 13.73 -54.48
N SER D 68 3.57 12.87 -55.35
CA SER D 68 2.20 12.36 -55.20
C SER D 68 2.03 11.41 -54.01
N GLU D 69 3.04 10.59 -53.74
CA GLU D 69 2.92 9.62 -52.65
C GLU D 69 2.98 10.33 -51.31
N ARG D 70 3.81 11.37 -51.21
CA ARG D 70 3.79 12.21 -50.01
C ARG D 70 2.45 12.91 -49.83
N ALA D 71 1.76 13.23 -50.93
CA ALA D 71 0.44 13.85 -50.80
C ALA D 71 -0.57 12.86 -50.24
N THR D 72 -0.51 11.60 -50.69
CA THR D 72 -1.40 10.58 -50.14
C THR D 72 -1.16 10.42 -48.64
N TYR D 73 0.11 10.40 -48.25
CA TYR D 73 0.46 10.19 -46.86
C TYR D 73 0.08 11.40 -46.01
N LYS D 74 0.31 12.62 -46.51
CA LYS D 74 0.00 13.79 -45.70
C LYS D 74 -1.50 14.02 -45.55
N ALA D 75 -2.30 13.70 -46.56
CA ALA D 75 -3.75 13.77 -46.37
C ALA D 75 -4.22 12.76 -45.33
N LYS D 76 -3.64 11.55 -45.35
CA LYS D 76 -3.95 10.58 -44.30
C LYS D 76 -3.50 11.08 -42.94
N LEU D 77 -2.36 11.80 -42.89
CA LEU D 77 -1.87 12.32 -41.62
C LEU D 77 -2.81 13.37 -41.04
N ARG D 78 -3.37 14.23 -41.90
CA ARG D 78 -4.34 15.21 -41.39
C ARG D 78 -5.59 14.52 -40.88
N GLU D 79 -6.01 13.43 -41.54
CA GLU D 79 -7.06 12.58 -41.01
C GLU D 79 -6.73 12.09 -39.60
N TRP D 80 -5.52 11.54 -39.43
CA TRP D 80 -5.10 11.04 -38.13
C TRP D 80 -5.02 12.15 -37.09
N LYS D 81 -4.59 13.34 -37.50
CA LYS D 81 -4.50 14.48 -36.58
C LYS D 81 -5.88 14.85 -36.05
N LYS D 82 -6.87 14.95 -36.94
CA LYS D 82 -8.23 15.25 -36.50
C LYS D 82 -8.81 14.11 -35.66
N THR D 83 -8.38 12.88 -35.93
CA THR D 83 -8.78 11.76 -35.07
C THR D 83 -8.28 11.97 -33.64
N ILE D 84 -7.03 12.42 -33.50
CA ILE D 84 -6.51 12.71 -32.15
C ILE D 84 -7.34 13.80 -31.49
N GLN D 85 -7.62 14.87 -32.24
CA GLN D 85 -8.36 16.01 -31.66
C GLN D 85 -9.78 15.65 -31.26
N SER D 86 -10.44 14.77 -32.03
CA SER D 86 -11.83 14.43 -31.78
C SER D 86 -12.01 13.28 -30.80
N ASP D 87 -11.16 12.26 -30.88
CA ASP D 87 -11.33 11.06 -30.07
C ASP D 87 -10.50 11.06 -28.80
N ILE D 88 -9.52 11.96 -28.68
CA ILE D 88 -8.62 11.97 -27.54
C ILE D 88 -8.70 13.32 -26.83
N LYS D 89 -8.30 14.39 -27.53
CA LYS D 89 -8.22 15.71 -26.91
C LYS D 89 -9.58 16.19 -26.41
N ARG D 90 -10.60 16.11 -27.26
CA ARG D 90 -11.88 16.73 -26.95
C ARG D 90 -12.52 16.18 -25.68
N PRO D 91 -12.61 14.85 -25.47
CA PRO D 91 -13.17 14.38 -24.20
C PRO D 91 -12.29 14.68 -23.01
N LEU D 92 -10.97 14.71 -23.20
CA LEU D 92 -10.07 14.99 -22.08
C LEU D 92 -10.25 16.41 -21.57
N GLN D 93 -10.35 17.39 -22.48
CA GLN D 93 -10.53 18.77 -22.03
C GLN D 93 -11.91 19.00 -21.40
N SER D 94 -12.90 18.18 -21.77
CA SER D 94 -14.24 18.25 -21.21
C SER D 94 -14.41 17.39 -19.96
N LEU D 95 -13.39 16.63 -19.55
CA LEU D 95 -13.48 15.75 -18.40
C LEU D 95 -12.84 16.33 -17.14
N VAL D 96 -11.73 17.06 -17.27
CA VAL D 96 -11.13 17.67 -16.09
C VAL D 96 -11.97 18.83 -15.58
N ASP D 97 -12.84 19.38 -16.42
CA ASP D 97 -13.74 20.46 -16.03
C ASP D 97 -15.06 19.91 -15.47
N SER D 98 -15.74 19.06 -16.23
CA SER D 98 -16.97 18.43 -15.77
C SER D 98 -16.69 17.08 -15.11
N GLY D 99 -15.80 17.13 -14.12
CA GLY D 99 -15.41 15.93 -13.39
C GLY D 99 -14.45 16.21 -12.25
N PHE E 19 49.12 -9.96 -22.67
CA PHE E 19 47.66 -10.06 -22.66
C PHE E 19 47.20 -11.26 -21.84
N THR E 20 46.53 -11.00 -20.73
CA THR E 20 45.99 -12.03 -19.87
C THR E 20 44.56 -11.68 -19.47
N VAL E 21 43.76 -12.71 -19.23
CA VAL E 21 42.37 -12.55 -18.82
C VAL E 21 42.23 -13.03 -17.38
N THR E 22 41.67 -12.19 -16.53
CA THR E 22 41.52 -12.48 -15.11
C THR E 22 40.06 -12.74 -14.78
N VAL E 23 39.81 -13.78 -14.00
CA VAL E 23 38.47 -14.13 -13.54
C VAL E 23 38.30 -13.58 -12.13
N PRO E 24 37.26 -12.79 -11.85
CA PRO E 24 37.07 -12.30 -10.48
C PRO E 24 36.95 -13.41 -9.45
N LYS E 25 36.28 -14.51 -9.79
CA LYS E 25 36.22 -15.69 -8.94
C LYS E 25 36.00 -16.91 -9.82
N ASP E 26 36.73 -17.99 -9.51
CA ASP E 26 36.73 -19.15 -10.40
C ASP E 26 35.48 -20.01 -10.25
N LEU E 27 34.89 -20.04 -9.06
CA LEU E 27 33.74 -20.90 -8.78
C LEU E 27 32.51 -20.05 -8.52
N TYR E 28 31.40 -20.41 -9.15
CA TYR E 28 30.11 -19.76 -8.96
C TYR E 28 29.08 -20.79 -8.51
N VAL E 29 28.39 -20.50 -7.41
CA VAL E 29 27.27 -21.30 -6.93
C VAL E 29 26.01 -20.49 -7.16
N VAL E 30 25.11 -21.01 -8.01
CA VAL E 30 23.94 -20.26 -8.46
C VAL E 30 22.68 -21.02 -8.03
N GLU E 31 21.73 -20.28 -7.44
CA GLU E 31 20.43 -20.83 -7.13
C GLU E 31 19.68 -21.19 -8.41
N TYR E 32 18.89 -22.26 -8.34
CA TYR E 32 18.11 -22.70 -9.50
C TYR E 32 17.16 -21.59 -9.95
N GLY E 33 17.14 -21.34 -11.27
CA GLY E 33 16.27 -20.35 -11.85
C GLY E 33 16.68 -18.91 -11.63
N SER E 34 17.62 -18.63 -10.73
CA SER E 34 18.01 -17.27 -10.42
C SER E 34 18.99 -16.76 -11.49
N ASN E 35 19.62 -15.62 -11.22
CA ASN E 35 20.52 -15.00 -12.18
C ASN E 35 21.92 -15.59 -12.09
N MET E 36 22.57 -15.73 -13.24
CA MET E 36 23.98 -16.09 -13.31
C MET E 36 24.73 -14.99 -14.05
N THR E 37 25.80 -14.48 -13.45
CA THR E 37 26.59 -13.39 -14.01
C THR E 37 28.07 -13.75 -13.86
N ILE E 38 28.65 -14.32 -14.92
CA ILE E 38 30.06 -14.69 -14.88
C ILE E 38 30.85 -13.62 -15.61
N GLU E 39 32.07 -13.35 -15.15
CA GLU E 39 32.85 -12.22 -15.66
C GLU E 39 34.25 -12.68 -16.05
N CYS E 40 34.72 -12.16 -17.18
CA CYS E 40 36.10 -12.31 -17.62
C CYS E 40 36.66 -10.91 -17.87
N LYS E 41 37.76 -10.59 -17.21
CA LYS E 41 38.30 -9.24 -17.21
C LYS E 41 39.51 -9.15 -18.12
N PHE E 42 39.56 -8.11 -18.94
CA PHE E 42 40.71 -7.76 -19.77
C PHE E 42 40.87 -6.24 -19.70
N PRO E 43 42.10 -5.75 -19.67
CA PRO E 43 42.30 -4.31 -19.44
C PRO E 43 42.07 -3.48 -20.70
N VAL E 44 41.37 -2.36 -20.53
CA VAL E 44 41.07 -1.43 -21.60
C VAL E 44 41.61 -0.06 -21.22
N GLU E 45 42.34 0.57 -22.13
CA GLU E 45 42.98 1.86 -21.86
C GLU E 45 42.08 3.01 -22.33
N LYS E 46 40.92 3.11 -21.66
CA LYS E 46 40.00 4.25 -21.78
C LYS E 46 39.28 4.27 -23.13
N GLN E 47 39.78 3.53 -24.13
CA GLN E 47 39.17 3.50 -25.44
C GLN E 47 38.84 2.06 -25.83
N LEU E 48 37.67 1.88 -26.45
CA LEU E 48 37.18 0.57 -26.87
C LEU E 48 37.28 0.49 -28.38
N ASP E 49 38.29 -0.22 -28.88
CA ASP E 49 38.48 -0.41 -30.32
C ASP E 49 37.54 -1.52 -30.78
N LEU E 50 36.37 -1.13 -31.30
CA LEU E 50 35.40 -2.11 -31.76
C LEU E 50 35.88 -2.89 -32.97
N ALA E 51 36.85 -2.38 -33.71
CA ALA E 51 37.37 -3.06 -34.89
C ALA E 51 38.37 -4.16 -34.56
N ALA E 52 38.87 -4.21 -33.32
CA ALA E 52 39.84 -5.22 -32.93
C ALA E 52 39.43 -5.94 -31.65
N LEU E 53 38.12 -5.96 -31.35
CA LEU E 53 37.60 -6.64 -30.17
C LEU E 53 36.86 -7.89 -30.59
N ILE E 54 37.11 -9.00 -29.88
CA ILE E 54 36.53 -10.30 -30.19
C ILE E 54 36.24 -11.04 -28.88
N VAL E 55 34.96 -11.36 -28.65
CA VAL E 55 34.53 -12.04 -27.43
C VAL E 55 33.84 -13.34 -27.79
N TYR E 56 34.18 -14.42 -27.07
CA TYR E 56 33.60 -15.72 -27.36
C TYR E 56 33.32 -16.48 -26.06
N TRP E 57 32.18 -17.15 -26.03
CA TRP E 57 31.77 -17.97 -24.89
C TRP E 57 31.33 -19.33 -25.38
N GLU E 58 31.59 -20.37 -24.58
CA GLU E 58 31.13 -21.69 -24.96
C GLU E 58 30.96 -22.60 -23.75
N MET E 59 30.01 -23.54 -23.87
CA MET E 59 29.77 -24.61 -22.90
C MET E 59 29.59 -25.91 -23.68
N GLU E 60 30.59 -26.80 -23.59
CA GLU E 60 30.51 -28.12 -24.21
C GLU E 60 30.12 -28.02 -25.69
N ASP E 61 30.88 -27.19 -26.42
CA ASP E 61 30.81 -27.02 -27.87
C ASP E 61 29.71 -26.07 -28.33
N LYS E 62 28.74 -25.77 -27.48
CA LYS E 62 27.65 -24.87 -27.85
C LYS E 62 28.14 -23.42 -27.78
N ASN E 63 28.15 -22.74 -28.93
CA ASN E 63 28.50 -21.32 -28.94
C ASN E 63 27.46 -20.50 -28.18
N ILE E 64 27.85 -19.92 -27.05
CA ILE E 64 26.94 -19.07 -26.29
C ILE E 64 26.86 -17.68 -26.91
N ILE E 65 28.00 -16.99 -26.98
CA ILE E 65 28.08 -15.64 -27.54
C ILE E 65 29.31 -15.56 -28.42
N GLN E 66 29.17 -14.90 -29.59
CA GLN E 66 30.26 -14.66 -30.54
C GLN E 66 30.22 -13.19 -30.97
N PHE E 67 30.76 -12.33 -30.10
CA PHE E 67 30.76 -10.89 -30.36
C PHE E 67 31.96 -10.53 -31.22
N VAL E 68 31.69 -10.06 -32.45
CA VAL E 68 32.72 -9.72 -33.42
C VAL E 68 32.33 -8.41 -34.10
N HIS E 69 33.29 -7.47 -34.18
CA HIS E 69 33.11 -6.22 -34.91
C HIS E 69 31.93 -5.40 -34.39
N GLY E 70 31.81 -5.31 -33.06
CA GLY E 70 30.77 -4.51 -32.48
C GLY E 70 29.37 -5.05 -32.67
N GLU E 71 29.23 -6.31 -33.07
CA GLU E 71 27.93 -6.93 -33.27
C GLU E 71 27.99 -8.37 -32.83
N GLU E 72 26.85 -8.89 -32.36
CA GLU E 72 26.72 -10.30 -32.04
C GLU E 72 26.20 -11.05 -33.25
N ASP E 73 26.77 -12.23 -33.50
CA ASP E 73 26.39 -13.08 -34.62
C ASP E 73 25.43 -14.14 -34.08
N LEU E 74 24.13 -13.79 -34.08
CA LEU E 74 23.10 -14.67 -33.54
C LEU E 74 22.90 -15.92 -34.39
N LYS E 75 23.42 -15.95 -35.62
CA LYS E 75 23.26 -17.12 -36.46
C LYS E 75 24.00 -18.33 -35.89
N VAL E 76 25.16 -18.10 -35.29
CA VAL E 76 25.96 -19.19 -34.72
C VAL E 76 25.54 -19.52 -33.29
N GLN E 77 24.92 -18.58 -32.58
CA GLN E 77 24.46 -18.85 -31.22
C GLN E 77 23.45 -19.98 -31.22
N HIS E 78 23.65 -20.95 -30.33
CA HIS E 78 22.78 -22.12 -30.28
C HIS E 78 21.38 -21.75 -29.81
N SER E 79 20.39 -22.49 -30.33
CA SER E 79 19.00 -22.23 -29.97
C SER E 79 18.73 -22.53 -28.50
N SER E 80 19.55 -23.37 -27.86
CA SER E 80 19.40 -23.64 -26.44
C SER E 80 19.64 -22.40 -25.57
N TYR E 81 20.29 -21.38 -26.13
CA TYR E 81 20.50 -20.09 -25.46
C TYR E 81 19.85 -18.97 -26.23
N ARG E 82 18.61 -19.18 -26.67
CA ARG E 82 17.95 -18.24 -27.57
C ARG E 82 17.78 -16.87 -26.94
N GLN E 83 16.95 -16.77 -25.90
CA GLN E 83 16.66 -15.51 -25.24
C GLN E 83 17.08 -15.51 -23.78
N ARG E 84 18.19 -16.20 -23.47
CA ARG E 84 18.72 -16.28 -22.12
C ARG E 84 20.14 -15.75 -22.01
N ALA E 85 20.99 -16.02 -22.99
CA ALA E 85 22.38 -15.59 -22.95
C ALA E 85 22.49 -14.12 -23.38
N ARG E 86 23.15 -13.31 -22.57
CA ARG E 86 23.30 -11.90 -22.88
C ARG E 86 24.71 -11.43 -22.54
N LEU E 87 25.23 -10.49 -23.33
CA LEU E 87 26.54 -9.89 -23.10
C LEU E 87 26.33 -8.40 -22.83
N LEU E 88 26.63 -7.98 -21.61
CA LEU E 88 26.43 -6.59 -21.21
C LEU E 88 27.45 -5.71 -21.93
N LYS E 89 27.01 -5.07 -23.02
CA LYS E 89 27.91 -4.19 -23.77
C LYS E 89 28.37 -3.01 -22.93
N ASP E 90 27.57 -2.61 -21.94
CA ASP E 90 27.96 -1.52 -21.04
C ASP E 90 29.24 -1.87 -20.28
N GLN E 91 29.32 -3.10 -19.76
CA GLN E 91 30.51 -3.52 -19.02
C GLN E 91 31.74 -3.62 -19.90
N LEU E 92 31.55 -3.73 -21.22
CA LEU E 92 32.68 -3.86 -22.14
C LEU E 92 33.55 -2.60 -22.14
N SER E 93 32.92 -1.43 -22.19
CA SER E 93 33.68 -0.18 -22.11
C SER E 93 34.49 -0.07 -20.84
N LEU E 94 34.12 -0.81 -19.80
CA LEU E 94 34.89 -0.89 -18.56
C LEU E 94 35.89 -2.03 -18.55
N GLY E 95 36.09 -2.70 -19.69
CA GLY E 95 37.02 -3.79 -19.79
C GLY E 95 36.63 -5.03 -19.02
N ASN E 96 35.38 -5.48 -19.20
CA ASN E 96 34.87 -6.67 -18.53
C ASN E 96 33.78 -7.29 -19.39
N ALA E 97 34.00 -8.53 -19.85
CA ALA E 97 33.00 -9.27 -20.61
C ALA E 97 32.25 -10.17 -19.65
N ALA E 98 30.96 -9.89 -19.45
CA ALA E 98 30.14 -10.63 -18.49
C ALA E 98 29.03 -11.36 -19.23
N LEU E 99 29.04 -12.69 -19.14
CA LEU E 99 27.97 -13.52 -19.64
C LEU E 99 26.86 -13.56 -18.60
N GLN E 100 25.66 -13.16 -19.00
CA GLN E 100 24.46 -13.18 -18.17
C GLN E 100 23.55 -14.30 -18.65
N ILE E 101 23.29 -15.26 -17.77
CA ILE E 101 22.41 -16.38 -18.04
C ILE E 101 21.21 -16.28 -17.11
N THR E 102 20.02 -16.33 -17.71
CA THR E 102 18.75 -16.22 -16.99
C THR E 102 18.05 -17.58 -16.96
N ASP E 103 17.24 -17.78 -15.92
CA ASP E 103 16.57 -19.06 -15.66
C ASP E 103 17.59 -20.20 -15.61
N VAL E 104 18.41 -20.13 -14.57
CA VAL E 104 19.47 -21.12 -14.38
C VAL E 104 18.85 -22.49 -14.12
N LYS E 105 19.21 -23.46 -14.94
CA LYS E 105 18.71 -24.82 -14.82
C LYS E 105 19.85 -25.74 -14.40
N LEU E 106 19.47 -26.97 -14.03
CA LEU E 106 20.47 -27.98 -13.69
C LEU E 106 21.30 -28.38 -14.90
N GLN E 107 20.81 -28.10 -16.12
CA GLN E 107 21.56 -28.41 -17.33
C GLN E 107 22.55 -27.31 -17.71
N ASP E 108 22.71 -26.28 -16.87
CA ASP E 108 23.63 -25.18 -17.15
C ASP E 108 24.92 -25.26 -16.33
N ALA E 109 25.07 -26.27 -15.48
CA ALA E 109 26.28 -26.43 -14.70
C ALA E 109 27.39 -27.04 -15.54
N GLY E 110 28.61 -26.56 -15.33
CA GLY E 110 29.75 -27.12 -16.02
C GLY E 110 30.80 -26.06 -16.29
N VAL E 111 31.59 -26.28 -17.34
CA VAL E 111 32.75 -25.46 -17.64
C VAL E 111 32.40 -24.47 -18.74
N TYR E 112 32.66 -23.19 -18.50
CA TYR E 112 32.42 -22.11 -19.46
C TYR E 112 33.76 -21.54 -19.89
N ARG E 113 34.01 -21.55 -21.20
CA ARG E 113 35.23 -21.01 -21.74
C ARG E 113 34.97 -19.63 -22.32
N CYS E 114 35.76 -18.66 -21.91
CA CYS E 114 35.71 -17.29 -22.43
C CYS E 114 37.02 -17.00 -23.14
N MET E 115 36.92 -16.49 -24.36
CA MET E 115 38.08 -16.15 -25.18
C MET E 115 37.97 -14.67 -25.57
N ILE E 116 39.01 -13.90 -25.27
CA ILE E 116 39.00 -12.46 -25.55
C ILE E 116 40.24 -12.12 -26.37
N SER E 117 40.04 -11.39 -27.47
CA SER E 117 41.10 -11.03 -28.41
C SER E 117 41.07 -9.52 -28.63
N TYR E 118 41.71 -8.78 -27.73
CA TYR E 118 41.88 -7.33 -27.86
C TYR E 118 43.37 -7.10 -28.13
N GLY E 119 43.77 -7.22 -29.38
CA GLY E 119 45.17 -7.16 -29.74
C GLY E 119 45.88 -8.47 -29.47
N GLY E 120 45.91 -8.88 -28.20
CA GLY E 120 46.42 -10.17 -27.81
C GLY E 120 45.34 -11.23 -27.78
N ALA E 121 45.59 -12.31 -27.06
CA ALA E 121 44.63 -13.41 -27.00
C ALA E 121 44.85 -14.24 -25.76
N ASP E 122 43.76 -14.59 -25.08
CA ASP E 122 43.79 -15.51 -23.96
C ASP E 122 42.36 -16.00 -23.68
N TYR E 123 42.29 -17.20 -23.10
CA TYR E 123 41.01 -17.81 -22.77
C TYR E 123 41.09 -18.39 -21.36
N LYS E 124 39.97 -18.31 -20.64
CA LYS E 124 39.88 -18.81 -19.27
C LYS E 124 38.66 -19.72 -19.14
N ARG E 125 38.68 -20.54 -18.09
CA ARG E 125 37.61 -21.49 -17.81
C ARG E 125 36.95 -21.14 -16.48
N ILE E 126 35.63 -21.22 -16.42
CA ILE E 126 34.83 -20.90 -15.25
C ILE E 126 33.93 -22.09 -14.95
N THR E 127 34.01 -22.62 -13.74
CA THR E 127 33.20 -23.75 -13.32
C THR E 127 31.96 -23.23 -12.58
N VAL E 128 30.79 -23.61 -13.06
CA VAL E 128 29.52 -23.18 -12.49
C VAL E 128 28.84 -24.40 -11.88
N LYS E 129 28.60 -24.33 -10.57
CA LYS E 129 27.90 -25.38 -9.81
C LYS E 129 26.47 -24.91 -9.59
N VAL E 130 25.53 -25.51 -10.31
CA VAL E 130 24.12 -25.14 -10.18
C VAL E 130 23.58 -25.75 -8.89
N ASN E 131 23.08 -24.91 -8.00
CA ASN E 131 22.47 -25.36 -6.76
C ASN E 131 20.97 -25.55 -6.95
N ALA E 132 20.35 -26.19 -5.96
CA ALA E 132 18.90 -26.43 -5.97
C ALA E 132 18.40 -26.52 -4.53
N PRO E 133 18.41 -25.42 -3.80
CA PRO E 133 17.99 -25.45 -2.40
C PRO E 133 16.48 -25.40 -2.27
N TYR E 134 16.00 -25.89 -1.12
CA TYR E 134 14.58 -25.85 -0.80
C TYR E 134 14.27 -24.61 0.04
N ASN E 135 14.31 -23.46 -0.64
CA ASN E 135 14.09 -22.18 0.00
C ASN E 135 12.65 -21.70 -0.10
N LYS E 136 11.98 -21.98 -1.21
CA LYS E 136 10.60 -21.54 -1.42
C LYS E 136 9.65 -22.58 -0.83
N ILE E 137 8.92 -22.19 0.20
CA ILE E 137 7.97 -23.07 0.88
C ILE E 137 6.61 -22.40 0.85
N ASN E 138 5.61 -23.10 0.31
CA ASN E 138 4.25 -22.58 0.27
C ASN E 138 3.38 -23.32 1.27
N LEU E 153 -2.49 -29.01 7.86
CA LEU E 153 -1.28 -28.24 7.58
C LEU E 153 -0.59 -28.79 6.32
N THR E 154 -0.14 -27.89 5.45
CA THR E 154 0.49 -28.29 4.20
C THR E 154 1.73 -27.43 3.96
N CYS E 155 2.85 -28.09 3.65
CA CYS E 155 4.07 -27.40 3.23
C CYS E 155 4.56 -28.04 1.94
N GLN E 156 4.78 -27.23 0.91
CA GLN E 156 5.16 -27.71 -0.41
C GLN E 156 6.35 -26.92 -0.92
N ALA E 157 7.30 -27.64 -1.54
CA ALA E 157 8.49 -27.03 -2.09
C ALA E 157 8.95 -27.85 -3.29
N GLU E 158 9.76 -27.23 -4.13
CA GLU E 158 10.18 -27.84 -5.39
C GLU E 158 11.69 -27.78 -5.52
N GLY E 159 12.30 -28.94 -5.79
CA GLY E 159 13.74 -29.04 -6.00
C GLY E 159 14.05 -30.37 -6.61
N TYR E 160 15.33 -30.58 -6.92
CA TYR E 160 15.62 -31.82 -7.66
C TYR E 160 16.07 -32.97 -6.79
N PRO E 161 17.13 -32.83 -5.96
CA PRO E 161 17.51 -34.02 -5.17
C PRO E 161 16.44 -34.44 -4.16
N ILE E 166 10.51 -32.65 7.97
CA ILE E 166 10.53 -32.84 9.40
C ILE E 166 9.63 -31.81 10.08
N TRP E 167 8.55 -32.29 10.69
CA TRP E 167 7.59 -31.44 11.38
C TRP E 167 8.01 -31.28 12.83
N THR E 168 8.23 -30.03 13.26
CA THR E 168 8.60 -29.73 14.64
C THR E 168 7.66 -28.68 15.21
N SER E 169 7.18 -28.93 16.41
CA SER E 169 6.22 -28.07 17.08
C SER E 169 6.92 -27.28 18.19
N SER E 170 6.15 -26.44 18.88
CA SER E 170 6.67 -25.74 20.04
C SER E 170 7.02 -26.72 21.16
N ASP E 171 6.33 -27.87 21.19
CA ASP E 171 6.67 -28.95 22.12
C ASP E 171 7.78 -29.85 21.58
N HIS E 172 8.13 -29.69 20.30
CA HIS E 172 9.27 -30.37 19.68
C HIS E 172 9.12 -31.90 19.75
N GLN E 173 8.13 -32.38 19.00
CA GLN E 173 7.88 -33.80 18.81
C GLN E 173 7.64 -34.03 17.33
N VAL E 174 8.27 -35.07 16.78
CA VAL E 174 8.08 -35.39 15.37
C VAL E 174 6.67 -35.94 15.17
N LEU E 175 6.03 -35.50 14.08
CA LEU E 175 4.70 -35.94 13.71
C LEU E 175 4.74 -36.60 12.34
N SER E 176 3.68 -37.32 12.02
CA SER E 176 3.51 -37.99 10.73
C SER E 176 3.06 -37.02 9.65
N THR E 196 1.59 -33.25 4.27
CA THR E 196 0.38 -32.79 4.93
C THR E 196 0.30 -33.31 6.35
N LEU E 197 -0.04 -32.44 7.29
CA LEU E 197 -0.17 -32.80 8.70
C LEU E 197 -1.63 -32.65 9.10
N ARG E 198 -2.18 -33.71 9.70
CA ARG E 198 -3.57 -33.75 10.15
C ARG E 198 -3.59 -34.15 11.62
N ILE E 199 -3.59 -33.16 12.50
CA ILE E 199 -3.69 -33.41 13.94
C ILE E 199 -4.64 -32.38 14.53
N ASN E 200 -5.26 -32.75 15.66
CA ASN E 200 -6.18 -31.85 16.34
C ASN E 200 -5.39 -30.87 17.20
N THR E 201 -5.50 -29.58 16.89
CA THR E 201 -4.70 -28.54 17.52
C THR E 201 -5.59 -27.58 18.30
N THR E 202 -4.98 -26.50 18.79
CA THR E 202 -5.68 -25.41 19.45
C THR E 202 -5.43 -24.12 18.68
N THR E 203 -6.25 -23.12 18.98
CA THR E 203 -6.14 -21.83 18.29
C THR E 203 -4.87 -21.10 18.68
N GLU E 205 -1.58 -21.71 17.85
CA GLU E 205 -0.46 -22.60 18.13
C GLU E 205 0.55 -22.55 16.99
N ILE E 206 1.83 -22.38 17.34
CA ILE E 206 2.89 -22.23 16.35
C ILE E 206 3.38 -23.62 15.95
N PHE E 207 3.44 -23.87 14.64
CA PHE E 207 3.99 -25.11 14.11
C PHE E 207 5.12 -24.77 13.14
N TYR E 208 5.96 -25.77 12.84
CA TYR E 208 7.09 -25.57 11.95
C TYR E 208 7.25 -26.77 11.02
N CYS E 209 7.54 -26.50 9.75
CA CYS E 209 7.86 -27.55 8.80
C CYS E 209 9.23 -27.30 8.20
N THR E 210 10.02 -28.35 8.08
CA THR E 210 11.41 -28.25 7.62
C THR E 210 11.63 -29.20 6.44
N PHE E 211 12.17 -28.66 5.36
CA PHE E 211 12.58 -29.47 4.22
C PHE E 211 14.07 -29.80 4.33
N ARG E 212 14.41 -31.07 4.17
CA ARG E 212 15.81 -31.49 4.21
C ARG E 212 16.07 -32.58 3.16
N GLU E 218 22.84 -25.88 5.63
CA GLU E 218 21.75 -25.92 4.67
C GLU E 218 20.47 -26.42 5.33
N ASN E 219 19.77 -25.52 6.02
CA ASN E 219 18.56 -25.88 6.74
C ASN E 219 17.62 -24.68 6.75
N HIS E 220 16.44 -24.82 6.16
CA HIS E 220 15.45 -23.76 6.11
C HIS E 220 14.12 -24.28 6.62
N THR E 221 13.44 -23.45 7.43
CA THR E 221 12.22 -23.85 8.11
C THR E 221 11.13 -22.81 7.85
N ALA E 222 9.90 -23.29 7.66
CA ALA E 222 8.73 -22.45 7.48
C ALA E 222 7.83 -22.54 8.70
N GLU E 223 7.14 -21.44 8.99
CA GLU E 223 6.32 -21.31 10.19
C GLU E 223 4.85 -21.33 9.81
N LEU E 224 4.06 -22.08 10.58
CA LEU E 224 2.62 -22.19 10.38
C LEU E 224 1.91 -21.63 11.60
N VAL E 225 0.97 -20.72 11.37
CA VAL E 225 0.21 -20.09 12.44
C VAL E 225 -1.27 -20.44 12.31
N ASN F 4 25.94 -11.37 -43.35
CA ASN F 4 26.31 -12.26 -44.45
C ASN F 4 26.87 -13.57 -43.90
N LEU F 5 26.69 -14.64 -44.66
CA LEU F 5 27.23 -15.94 -44.26
C LEU F 5 28.76 -15.92 -44.28
N LEU F 6 29.35 -15.27 -45.29
CA LEU F 6 30.80 -15.25 -45.38
C LEU F 6 31.43 -14.49 -44.21
N THR F 7 30.80 -13.39 -43.77
CA THR F 7 31.29 -12.66 -42.60
C THR F 7 31.17 -13.50 -41.34
N SER F 8 30.04 -14.21 -41.18
CA SER F 8 29.88 -15.10 -40.04
C SER F 8 30.91 -16.22 -40.08
N TYR F 9 31.22 -16.72 -41.28
CA TYR F 9 32.20 -17.79 -41.42
C TYR F 9 33.58 -17.30 -41.02
N GLU F 10 33.98 -16.11 -41.48
CA GLU F 10 35.31 -15.62 -41.12
C GLU F 10 35.42 -15.33 -39.63
N GLY F 11 34.38 -14.76 -39.02
CA GLY F 11 34.42 -14.56 -37.58
C GLY F 11 34.63 -15.88 -36.85
N SER F 12 33.83 -16.90 -37.22
CA SER F 12 33.98 -18.21 -36.58
C SER F 12 35.37 -18.78 -36.81
N PHE F 13 35.88 -18.68 -38.04
CA PHE F 13 37.18 -19.24 -38.36
C PHE F 13 38.26 -18.60 -37.50
N LYS F 14 38.23 -17.27 -37.38
CA LYS F 14 39.22 -16.60 -36.54
C LYS F 14 39.11 -17.07 -35.10
N ILE F 15 37.86 -17.27 -34.63
CA ILE F 15 37.67 -17.68 -33.24
C ILE F 15 38.33 -19.02 -33.02
N GLN F 16 38.05 -19.97 -33.91
CA GLN F 16 38.54 -21.33 -33.75
C GLN F 16 40.06 -21.37 -33.87
N LEU F 17 40.63 -20.55 -34.76
CA LEU F 17 42.08 -20.52 -34.89
C LEU F 17 42.72 -20.04 -33.59
N ILE F 18 42.19 -18.95 -33.02
CA ILE F 18 42.74 -18.43 -31.78
C ILE F 18 42.58 -19.45 -30.66
N LEU F 19 41.40 -20.08 -30.56
CA LEU F 19 41.14 -21.04 -29.50
C LEU F 19 42.04 -22.25 -29.62
N ALA F 20 42.24 -22.76 -30.83
CA ALA F 20 43.11 -23.92 -31.03
C ALA F 20 44.54 -23.59 -30.65
N LYS F 21 45.03 -22.42 -31.05
CA LYS F 21 46.40 -22.04 -30.70
C LYS F 21 46.55 -21.90 -29.18
N LEU F 22 45.57 -21.30 -28.51
CA LEU F 22 45.68 -21.13 -27.06
C LEU F 22 45.60 -22.46 -26.32
N GLU F 23 44.71 -23.35 -26.76
CA GLU F 23 44.59 -24.65 -26.11
C GLU F 23 45.80 -25.52 -26.36
N LEU F 24 46.43 -25.39 -27.54
CA LEU F 24 47.65 -26.12 -27.81
C LEU F 24 48.81 -25.59 -26.96
N ALA F 25 48.87 -24.26 -26.78
CA ALA F 25 49.92 -23.69 -25.95
C ALA F 25 49.74 -24.08 -24.49
N LYS F 26 48.50 -24.08 -24.00
CA LYS F 26 48.22 -24.36 -22.60
C LYS F 26 48.10 -25.85 -22.30
N ALA F 27 48.09 -26.70 -23.32
CA ALA F 27 47.91 -28.14 -23.09
C ALA F 27 49.01 -28.76 -22.24
N PRO F 28 50.31 -28.58 -22.54
CA PRO F 28 51.33 -29.24 -21.71
C PRO F 28 51.27 -28.83 -20.27
N SER F 29 50.76 -27.63 -19.98
CA SER F 29 50.64 -27.11 -18.63
C SER F 29 49.31 -27.47 -17.98
N GLN F 30 48.62 -28.50 -18.46
CA GLN F 30 47.34 -28.82 -17.87
C GLN F 30 47.35 -30.24 -17.29
N PRO F 31 46.54 -30.49 -16.28
CA PRO F 31 46.46 -31.82 -15.68
C PRO F 31 46.23 -32.92 -16.70
N LEU F 32 46.91 -34.05 -16.47
CA LEU F 32 46.79 -35.21 -17.35
C LEU F 32 45.34 -35.68 -17.46
N SER F 33 44.56 -35.54 -16.39
CA SER F 33 43.15 -35.92 -16.43
C SER F 33 42.36 -35.04 -17.41
N GLN F 34 42.36 -33.72 -17.19
CA GLN F 34 41.67 -32.81 -18.09
C GLN F 34 42.41 -32.67 -19.41
N ARG F 35 43.39 -33.54 -19.65
CA ARG F 35 44.23 -33.44 -20.84
C ARG F 35 43.58 -34.02 -22.10
N ASN F 36 43.03 -35.23 -22.01
CA ASN F 36 42.64 -35.93 -23.23
C ASN F 36 41.49 -35.25 -23.96
N GLU F 37 40.71 -34.39 -23.30
CA GLU F 37 39.72 -33.62 -24.04
C GLU F 37 40.34 -32.40 -24.73
N GLU F 38 41.27 -31.70 -24.08
CA GLU F 38 41.92 -30.55 -24.72
C GLU F 38 42.70 -30.99 -25.95
N LEU F 39 43.34 -32.15 -25.88
CA LEU F 39 44.07 -32.68 -27.02
C LEU F 39 43.16 -33.13 -28.15
N LYS F 40 41.88 -33.41 -27.86
CA LYS F 40 40.99 -33.87 -28.92
C LYS F 40 40.33 -32.70 -29.66
N ARG F 41 39.91 -31.68 -28.92
CA ARG F 41 39.27 -30.53 -29.56
C ARG F 41 40.16 -29.93 -30.63
N VAL F 42 41.46 -29.81 -30.34
CA VAL F 42 42.40 -29.27 -31.32
C VAL F 42 42.39 -30.13 -32.58
N GLU F 43 42.38 -31.44 -32.42
CA GLU F 43 42.26 -32.31 -33.59
C GLU F 43 40.91 -32.12 -34.25
N GLN F 44 39.85 -31.95 -33.46
CA GLN F 44 38.53 -31.77 -34.03
C GLN F 44 38.30 -30.35 -34.54
N ARG F 45 38.69 -29.32 -33.79
CA ARG F 45 38.47 -27.96 -34.25
C ARG F 45 39.27 -27.66 -35.50
N GLN F 46 40.43 -28.32 -35.67
CA GLN F 46 41.19 -28.15 -36.90
C GLN F 46 40.34 -28.53 -38.10
N ASP F 47 39.51 -29.58 -37.96
CA ASP F 47 38.62 -29.96 -39.06
C ASP F 47 37.71 -28.79 -39.43
N ARG F 48 37.15 -28.10 -38.42
CA ARG F 48 36.34 -26.92 -38.72
C ARG F 48 37.14 -25.94 -39.57
N LEU F 49 38.38 -25.66 -39.15
CA LEU F 49 39.22 -24.74 -39.92
C LEU F 49 39.43 -25.27 -41.33
N PHE F 50 39.69 -26.57 -41.47
CA PHE F 50 39.78 -27.15 -42.81
C PHE F 50 38.44 -27.14 -43.52
N ASP F 51 37.35 -27.45 -42.79
CA ASP F 51 36.04 -27.51 -43.43
C ASP F 51 35.53 -26.13 -43.81
N LEU F 52 35.79 -25.12 -42.97
CA LEU F 52 35.29 -23.78 -43.25
C LEU F 52 35.80 -23.26 -44.58
N LEU F 53 37.07 -23.52 -44.89
CA LEU F 53 37.60 -23.06 -46.17
C LEU F 53 36.79 -23.64 -47.31
N ASP F 54 36.50 -24.94 -47.26
CA ASP F 54 35.69 -25.55 -48.30
C ASP F 54 34.29 -24.95 -48.29
N GLN F 55 33.77 -24.64 -47.10
CA GLN F 55 32.51 -23.92 -47.01
C GLN F 55 32.63 -22.54 -47.64
N MET F 56 33.70 -21.81 -47.29
CA MET F 56 33.82 -20.43 -47.75
C MET F 56 33.91 -20.37 -49.26
N ASP F 57 34.66 -21.30 -49.86
CA ASP F 57 34.78 -21.34 -51.31
C ASP F 57 33.43 -21.51 -51.97
N VAL F 58 32.53 -22.30 -51.36
CA VAL F 58 31.18 -22.41 -51.91
C VAL F 58 30.50 -21.06 -51.89
N GLU F 59 30.54 -20.39 -50.72
CA GLU F 59 29.83 -19.11 -50.59
C GLU F 59 30.47 -18.06 -51.47
N VAL F 60 31.80 -18.12 -51.63
CA VAL F 60 32.48 -17.18 -52.48
C VAL F 60 31.95 -17.29 -53.90
N ASN F 61 31.84 -18.52 -54.41
CA ASN F 61 31.38 -18.67 -55.78
C ASN F 61 29.99 -18.07 -55.94
N ASN F 62 29.16 -18.16 -54.89
CA ASN F 62 27.81 -17.65 -55.00
C ASN F 62 27.71 -16.18 -54.61
N SER F 63 28.65 -15.67 -53.82
CA SER F 63 28.57 -14.29 -53.34
C SER F 63 29.51 -13.32 -54.02
N ILE F 64 30.73 -13.76 -54.38
CA ILE F 64 31.74 -12.87 -54.93
C ILE F 64 31.52 -12.82 -56.43
N GLY F 65 30.81 -11.78 -56.89
CA GLY F 65 30.42 -11.69 -58.29
C GLY F 65 31.57 -11.43 -59.24
N ASP F 66 32.44 -10.47 -58.94
CA ASP F 66 33.51 -10.11 -59.85
C ASP F 66 34.71 -11.03 -59.63
N ALA F 67 35.45 -11.29 -60.72
CA ALA F 67 36.62 -12.15 -60.65
C ALA F 67 37.77 -11.50 -59.90
N SER F 68 37.86 -10.16 -59.92
CA SER F 68 38.95 -9.50 -59.21
C SER F 68 38.87 -9.75 -57.70
N GLU F 69 37.66 -9.66 -57.12
CA GLU F 69 37.55 -10.00 -55.70
C GLU F 69 37.59 -11.50 -55.48
N ARG F 70 37.23 -12.31 -56.48
CA ARG F 70 37.30 -13.77 -56.30
C ARG F 70 38.74 -14.21 -56.12
N ALA F 71 39.65 -13.69 -56.96
CA ALA F 71 41.07 -14.00 -56.79
C ALA F 71 41.61 -13.38 -55.51
N THR F 72 41.17 -12.16 -55.19
CA THR F 72 41.60 -11.50 -53.96
C THR F 72 41.24 -12.34 -52.74
N TYR F 73 40.04 -12.91 -52.72
CA TYR F 73 39.57 -13.71 -51.60
C TYR F 73 40.19 -15.09 -51.57
N LYS F 74 40.31 -15.75 -52.71
CA LYS F 74 40.83 -17.11 -52.71
C LYS F 74 42.31 -17.17 -52.35
N ALA F 75 43.08 -16.13 -52.69
CA ALA F 75 44.48 -16.10 -52.24
C ALA F 75 44.55 -16.06 -50.71
N LYS F 76 43.62 -15.33 -50.08
CA LYS F 76 43.53 -15.33 -48.62
C LYS F 76 43.16 -16.71 -48.10
N LEU F 77 42.30 -17.43 -48.81
CA LEU F 77 41.94 -18.78 -48.35
C LEU F 77 43.14 -19.72 -48.40
N ARG F 78 43.96 -19.62 -49.46
CA ARG F 78 45.19 -20.41 -49.51
C ARG F 78 46.10 -20.07 -48.34
N GLU F 79 46.25 -18.78 -48.04
CA GLU F 79 47.09 -18.37 -46.92
C GLU F 79 46.58 -18.94 -45.60
N TRP F 80 45.26 -18.97 -45.43
CA TRP F 80 44.70 -19.55 -44.20
C TRP F 80 44.96 -21.05 -44.13
N LYS F 81 44.87 -21.74 -45.26
CA LYS F 81 45.16 -23.17 -45.28
C LYS F 81 46.61 -23.41 -44.85
N LYS F 82 47.53 -22.59 -45.36
CA LYS F 82 48.92 -22.73 -44.92
C LYS F 82 49.07 -22.39 -43.44
N THR F 83 48.30 -21.44 -42.94
CA THR F 83 48.35 -21.12 -41.51
C THR F 83 47.90 -22.30 -40.67
N ILE F 84 46.84 -22.99 -41.10
CA ILE F 84 46.38 -24.17 -40.36
C ILE F 84 47.47 -25.23 -40.34
N GLN F 85 48.07 -25.48 -41.50
CA GLN F 85 49.12 -26.51 -41.52
C GLN F 85 50.36 -26.08 -40.74
N SER F 86 50.64 -24.78 -40.61
CA SER F 86 51.85 -24.33 -39.93
C SER F 86 51.69 -24.21 -38.42
N ASP F 87 50.57 -23.69 -37.92
CA ASP F 87 50.38 -23.42 -36.51
C ASP F 87 49.61 -24.50 -35.77
N ILE F 88 48.93 -25.40 -36.47
CA ILE F 88 48.07 -26.39 -35.83
C ILE F 88 48.56 -27.80 -36.14
N LYS F 89 48.55 -28.16 -37.42
CA LYS F 89 48.81 -29.54 -37.82
C LYS F 89 50.22 -29.99 -37.43
N ARG F 90 51.23 -29.24 -37.87
CA ARG F 90 52.61 -29.60 -37.59
C ARG F 90 52.92 -29.62 -36.10
N PRO F 91 52.54 -28.61 -35.30
CA PRO F 91 52.73 -28.74 -33.84
C PRO F 91 51.91 -29.87 -33.23
N LEU F 92 50.75 -30.16 -33.84
CA LEU F 92 49.92 -31.26 -33.34
C LEU F 92 50.68 -32.57 -33.41
N GLN F 93 51.39 -32.79 -34.51
CA GLN F 93 52.21 -33.99 -34.59
C GLN F 93 53.38 -33.95 -33.61
N SER F 94 53.80 -32.76 -33.18
CA SER F 94 54.88 -32.68 -32.20
C SER F 94 54.40 -32.80 -30.76
N LEU F 95 53.09 -32.79 -30.51
CA LEU F 95 52.58 -32.93 -29.16
C LEU F 95 52.01 -34.31 -28.84
N VAL F 96 51.29 -34.93 -29.78
CA VAL F 96 50.67 -36.23 -29.54
C VAL F 96 51.70 -37.36 -29.46
N ALA G 18 -24.24 -0.58 -18.20
CA ALA G 18 -24.33 -1.56 -17.13
C ALA G 18 -24.38 -0.90 -15.76
N PHE G 19 -24.72 -1.68 -14.74
CA PHE G 19 -24.76 -1.20 -13.37
C PHE G 19 -23.40 -1.48 -12.75
N THR G 20 -22.66 -0.41 -12.45
CA THR G 20 -21.34 -0.51 -11.85
C THR G 20 -21.27 0.39 -10.62
N VAL G 21 -20.50 -0.05 -9.62
CA VAL G 21 -20.31 0.66 -8.37
C VAL G 21 -18.95 1.34 -8.39
N THR G 22 -18.93 2.65 -8.15
CA THR G 22 -17.70 3.43 -8.17
C THR G 22 -17.18 3.62 -6.76
N VAL G 23 -15.89 3.34 -6.58
CA VAL G 23 -15.22 3.49 -5.30
C VAL G 23 -14.15 4.57 -5.45
N PRO G 24 -14.21 5.66 -4.68
CA PRO G 24 -13.20 6.72 -4.82
C PRO G 24 -11.78 6.25 -4.53
N LYS G 25 -11.60 5.27 -3.64
CA LYS G 25 -10.25 4.79 -3.32
C LYS G 25 -10.34 3.42 -2.67
N ASP G 26 -9.45 2.51 -3.09
CA ASP G 26 -9.39 1.16 -2.53
C ASP G 26 -8.70 1.13 -1.18
N LEU G 27 -7.83 2.10 -0.88
CA LEU G 27 -6.99 2.09 0.32
C LEU G 27 -7.34 3.26 1.23
N TYR G 28 -7.68 2.94 2.49
CA TYR G 28 -7.92 3.92 3.53
C TYR G 28 -6.91 3.74 4.65
N VAL G 29 -6.12 4.78 4.92
CA VAL G 29 -5.20 4.78 6.04
C VAL G 29 -5.82 5.60 7.16
N VAL G 30 -6.23 4.95 8.24
CA VAL G 30 -6.98 5.58 9.32
C VAL G 30 -6.18 5.48 10.61
N GLU G 31 -6.04 6.61 11.30
CA GLU G 31 -5.40 6.63 12.61
C GLU G 31 -6.30 5.99 13.66
N TYR G 32 -5.69 5.38 14.66
CA TYR G 32 -6.45 4.73 15.72
C TYR G 32 -7.20 5.78 16.54
N GLY G 33 -8.46 5.51 16.84
CA GLY G 33 -9.26 6.39 17.66
C GLY G 33 -10.02 7.47 16.91
N SER G 34 -9.82 7.62 15.61
CA SER G 34 -10.50 8.63 14.81
C SER G 34 -11.72 8.03 14.13
N ASN G 35 -12.40 8.85 13.33
CA ASN G 35 -13.58 8.40 12.59
C ASN G 35 -13.21 8.12 11.14
N MET G 36 -13.77 7.02 10.61
CA MET G 36 -13.51 6.58 9.25
C MET G 36 -14.81 6.65 8.46
N THR G 37 -14.73 7.18 7.23
CA THR G 37 -15.90 7.25 6.36
C THR G 37 -15.50 6.68 4.99
N ILE G 38 -15.78 5.39 4.78
CA ILE G 38 -15.47 4.75 3.51
C ILE G 38 -16.66 4.92 2.58
N GLU G 39 -16.40 5.25 1.32
CA GLU G 39 -17.48 5.59 0.39
C GLU G 39 -17.47 4.65 -0.81
N CYS G 40 -18.65 4.28 -1.28
CA CYS G 40 -18.81 3.61 -2.56
C CYS G 40 -20.02 4.22 -3.26
N LYS G 41 -19.86 4.56 -4.54
CA LYS G 41 -20.86 5.34 -5.25
C LYS G 41 -21.56 4.49 -6.31
N PHE G 42 -22.87 4.71 -6.45
CA PHE G 42 -23.68 4.00 -7.44
C PHE G 42 -24.53 5.02 -8.20
N PRO G 43 -24.91 4.71 -9.44
CA PRO G 43 -25.68 5.69 -10.23
C PRO G 43 -27.11 5.83 -9.73
N VAL G 44 -27.56 7.07 -9.63
CA VAL G 44 -28.93 7.42 -9.25
C VAL G 44 -29.58 8.13 -10.42
N GLU G 45 -30.75 7.63 -10.85
CA GLU G 45 -31.42 8.16 -12.04
C GLU G 45 -32.41 9.26 -11.66
N LYS G 46 -31.90 10.27 -10.96
CA LYS G 46 -32.69 11.46 -10.57
C LYS G 46 -33.90 11.07 -9.74
N GLN G 47 -33.81 9.93 -9.05
CA GLN G 47 -34.88 9.41 -8.22
C GLN G 47 -34.32 8.22 -7.45
N LEU G 48 -34.76 8.06 -6.20
CA LEU G 48 -34.28 6.97 -5.36
C LEU G 48 -35.50 6.19 -4.90
N ASP G 49 -35.75 5.06 -5.55
CA ASP G 49 -36.80 4.13 -5.15
C ASP G 49 -36.29 3.36 -3.94
N LEU G 50 -36.62 3.88 -2.75
CA LEU G 50 -36.08 3.33 -1.52
C LEU G 50 -36.51 1.87 -1.30
N ALA G 51 -37.69 1.50 -1.80
CA ALA G 51 -38.16 0.13 -1.64
C ALA G 51 -37.28 -0.86 -2.40
N ALA G 52 -36.83 -0.48 -3.60
CA ALA G 52 -36.02 -1.36 -4.43
C ALA G 52 -34.52 -1.18 -4.21
N LEU G 53 -34.12 -0.34 -3.26
CA LEU G 53 -32.71 -0.07 -2.98
C LEU G 53 -32.23 -0.96 -1.85
N ILE G 54 -31.10 -1.64 -2.07
CA ILE G 54 -30.49 -2.50 -1.07
C ILE G 54 -29.02 -2.12 -0.92
N VAL G 55 -28.61 -1.82 0.31
CA VAL G 55 -27.24 -1.46 0.62
C VAL G 55 -26.70 -2.45 1.65
N TYR G 56 -25.51 -3.01 1.38
CA TYR G 56 -24.96 -4.00 2.30
C TYR G 56 -23.48 -3.74 2.50
N TRP G 57 -23.07 -3.76 3.78
CA TRP G 57 -21.68 -3.57 4.19
C TRP G 57 -21.25 -4.69 5.13
N GLU G 58 -20.03 -5.19 4.91
CA GLU G 58 -19.47 -6.29 5.66
C GLU G 58 -17.94 -6.19 5.68
N MET G 59 -17.35 -6.67 6.78
CA MET G 59 -15.91 -6.80 6.92
C MET G 59 -15.66 -8.27 7.26
N GLU G 60 -14.95 -8.97 6.37
CA GLU G 60 -14.84 -10.42 6.50
C GLU G 60 -16.24 -11.02 6.58
N ASP G 61 -16.56 -11.74 7.66
CA ASP G 61 -17.89 -12.32 7.82
C ASP G 61 -18.75 -11.55 8.81
N LYS G 62 -18.52 -10.25 8.95
CA LYS G 62 -19.21 -9.41 9.91
C LYS G 62 -20.30 -8.59 9.24
N ASN G 63 -21.56 -8.84 9.61
CA ASN G 63 -22.66 -8.04 9.07
C ASN G 63 -22.60 -6.64 9.70
N ILE G 64 -22.29 -5.64 8.89
CA ILE G 64 -22.15 -4.28 9.38
C ILE G 64 -23.44 -3.50 9.10
N ILE G 65 -23.83 -3.42 7.82
CA ILE G 65 -25.02 -2.65 7.45
C ILE G 65 -25.89 -3.49 6.53
N GLN G 66 -27.17 -3.58 6.88
CA GLN G 66 -28.21 -4.20 6.04
C GLN G 66 -29.33 -3.17 5.90
N PHE G 67 -29.32 -2.42 4.80
CA PHE G 67 -30.30 -1.38 4.51
C PHE G 67 -31.20 -1.92 3.42
N VAL G 68 -32.43 -2.27 3.78
CA VAL G 68 -33.40 -2.87 2.87
C VAL G 68 -34.69 -2.07 2.93
N HIS G 69 -35.22 -1.72 1.76
CA HIS G 69 -36.44 -0.92 1.57
C HIS G 69 -36.55 0.21 2.60
N GLY G 70 -35.53 1.07 2.58
CA GLY G 70 -35.54 2.31 3.34
C GLY G 70 -35.34 2.18 4.84
N GLU G 71 -35.14 0.99 5.37
CA GLU G 71 -34.99 0.81 6.81
C GLU G 71 -33.70 0.05 7.09
N GLU G 72 -32.88 0.57 7.99
CA GLU G 72 -31.67 -0.13 8.41
C GLU G 72 -32.02 -1.30 9.32
N ASP G 73 -31.27 -2.38 9.21
CA ASP G 73 -31.55 -3.62 9.96
C ASP G 73 -30.45 -3.84 11.00
N LEU G 74 -30.73 -3.39 12.22
CA LEU G 74 -29.80 -3.55 13.34
C LEU G 74 -29.87 -4.94 13.95
N LYS G 75 -30.89 -5.72 13.64
CA LYS G 75 -31.11 -7.00 14.31
C LYS G 75 -30.03 -8.01 13.95
N VAL G 76 -29.58 -8.01 12.69
CA VAL G 76 -28.52 -8.90 12.23
C VAL G 76 -27.15 -8.26 12.38
N GLN G 77 -27.09 -6.97 12.72
CA GLN G 77 -25.82 -6.29 12.83
C GLN G 77 -24.94 -7.00 13.84
N HIS G 78 -23.66 -7.11 13.52
CA HIS G 78 -22.72 -7.77 14.41
C HIS G 78 -22.55 -6.98 15.69
N SER G 79 -22.24 -7.73 16.75
CA SER G 79 -22.06 -7.12 18.06
C SER G 79 -20.87 -6.17 18.07
N SER G 80 -19.80 -6.50 17.32
CA SER G 80 -18.61 -5.65 17.28
C SER G 80 -18.88 -4.29 16.64
N TYR G 81 -19.91 -4.19 15.80
CA TYR G 81 -20.27 -2.93 15.15
C TYR G 81 -21.59 -2.38 15.68
N ARG G 82 -21.87 -2.62 16.96
CA ARG G 82 -23.19 -2.34 17.53
C ARG G 82 -23.58 -0.88 17.39
N GLN G 83 -22.90 0.00 18.11
CA GLN G 83 -23.16 1.43 18.08
C GLN G 83 -21.94 2.19 17.60
N ARG G 84 -21.30 1.68 16.55
CA ARG G 84 -20.16 2.33 15.91
C ARG G 84 -20.43 2.70 14.47
N ALA G 85 -21.15 1.86 13.73
CA ALA G 85 -21.36 2.06 12.30
C ALA G 85 -22.65 2.82 12.04
N ARG G 86 -22.64 3.61 10.96
CA ARG G 86 -23.82 4.33 10.52
C ARG G 86 -23.76 4.50 9.01
N LEU G 87 -24.93 4.48 8.37
CA LEU G 87 -25.06 4.72 6.94
C LEU G 87 -25.66 6.11 6.74
N LEU G 88 -24.88 7.02 6.16
CA LEU G 88 -25.30 8.40 5.95
C LEU G 88 -26.40 8.43 4.89
N LYS G 89 -27.65 8.53 5.35
CA LYS G 89 -28.79 8.48 4.45
C LYS G 89 -28.98 9.78 3.68
N ASP G 90 -28.42 10.88 4.17
CA ASP G 90 -28.52 12.14 3.45
C ASP G 90 -27.77 12.10 2.13
N GLN G 91 -26.64 11.40 2.09
CA GLN G 91 -25.87 11.25 0.86
C GLN G 91 -26.36 10.10 0.00
N LEU G 92 -27.29 9.28 0.51
CA LEU G 92 -27.84 8.19 -0.28
C LEU G 92 -28.57 8.72 -1.52
N SER G 93 -29.24 9.86 -1.37
CA SER G 93 -29.93 10.47 -2.51
C SER G 93 -28.96 10.93 -3.58
N LEU G 94 -27.73 11.30 -3.20
CA LEU G 94 -26.72 11.74 -4.17
C LEU G 94 -25.96 10.59 -4.83
N GLY G 95 -26.46 9.37 -4.71
CA GLY G 95 -25.78 8.22 -5.29
C GLY G 95 -24.45 7.89 -4.66
N ASN G 96 -24.37 7.94 -3.32
CA ASN G 96 -23.12 7.68 -2.61
C ASN G 96 -23.45 6.98 -1.30
N ALA G 97 -23.22 5.67 -1.24
CA ALA G 97 -23.41 4.92 0.00
C ALA G 97 -22.14 5.05 0.83
N ALA G 98 -22.24 5.78 1.94
CA ALA G 98 -21.10 6.06 2.81
C ALA G 98 -21.28 5.32 4.12
N LEU G 99 -20.28 4.54 4.50
CA LEU G 99 -20.26 3.85 5.78
C LEU G 99 -19.33 4.60 6.73
N GLN G 100 -19.84 4.94 7.91
CA GLN G 100 -19.10 5.71 8.90
C GLN G 100 -18.88 4.83 10.12
N ILE G 101 -17.63 4.77 10.59
CA ILE G 101 -17.24 4.02 11.76
C ILE G 101 -16.62 5.00 12.73
N THR G 102 -17.11 4.99 13.97
CA THR G 102 -16.63 5.91 15.00
C THR G 102 -15.68 5.19 15.95
N ASP G 103 -14.65 5.91 16.40
CA ASP G 103 -13.63 5.37 17.31
C ASP G 103 -13.02 4.10 16.72
N VAL G 104 -12.30 4.30 15.60
CA VAL G 104 -11.71 3.19 14.87
C VAL G 104 -10.72 2.46 15.76
N LYS G 105 -10.87 1.15 15.85
CA LYS G 105 -10.00 0.29 16.64
C LYS G 105 -9.20 -0.61 15.70
N LEU G 106 -8.32 -1.43 16.30
CA LEU G 106 -7.46 -2.29 15.49
C LEU G 106 -8.27 -3.35 14.74
N GLN G 107 -9.40 -3.78 15.31
CA GLN G 107 -10.19 -4.83 14.69
C GLN G 107 -10.90 -4.35 13.42
N ASP G 108 -10.89 -3.04 13.15
CA ASP G 108 -11.53 -2.51 11.95
C ASP G 108 -10.71 -2.69 10.69
N ALA G 109 -9.43 -3.03 10.83
CA ALA G 109 -8.58 -3.26 9.67
C ALA G 109 -9.02 -4.52 8.94
N GLY G 110 -9.12 -4.43 7.61
CA GLY G 110 -9.50 -5.58 6.82
C GLY G 110 -10.06 -5.14 5.48
N VAL G 111 -10.67 -6.11 4.80
CA VAL G 111 -11.29 -5.88 3.50
C VAL G 111 -12.79 -5.76 3.69
N TYR G 112 -13.34 -4.63 3.24
CA TYR G 112 -14.76 -4.34 3.30
C TYR G 112 -15.39 -4.55 1.94
N ARG G 113 -16.63 -5.00 1.95
CA ARG G 113 -17.37 -5.26 0.72
C ARG G 113 -18.62 -4.39 0.71
N CYS G 114 -18.74 -3.56 -0.32
CA CYS G 114 -19.92 -2.71 -0.49
C CYS G 114 -20.72 -3.30 -1.64
N MET G 115 -21.96 -3.71 -1.35
CA MET G 115 -22.84 -4.25 -2.38
C MET G 115 -24.09 -3.38 -2.47
N ILE G 116 -24.42 -2.93 -3.67
CA ILE G 116 -25.61 -2.11 -3.88
C ILE G 116 -26.48 -2.75 -4.95
N SER G 117 -27.75 -2.93 -4.64
CA SER G 117 -28.75 -3.53 -5.53
C SER G 117 -29.82 -2.48 -5.76
N TYR G 118 -29.67 -1.74 -6.86
CA TYR G 118 -30.65 -0.74 -7.29
C TYR G 118 -30.89 -0.97 -8.78
N GLY G 119 -31.88 -1.79 -9.10
CA GLY G 119 -32.01 -2.21 -10.49
C GLY G 119 -31.03 -3.33 -10.73
N GLY G 120 -29.84 -2.98 -11.19
CA GLY G 120 -28.75 -3.93 -11.25
C GLY G 120 -28.13 -4.17 -9.88
N ALA G 121 -27.06 -4.96 -9.89
CA ALA G 121 -26.37 -5.33 -8.67
C ALA G 121 -24.87 -5.45 -8.93
N ASP G 122 -24.09 -4.90 -8.01
CA ASP G 122 -22.64 -5.02 -8.09
C ASP G 122 -22.05 -4.78 -6.70
N TYR G 123 -20.87 -5.36 -6.49
CA TYR G 123 -20.14 -5.26 -5.24
C TYR G 123 -18.69 -4.85 -5.50
N LYS G 124 -18.10 -4.18 -4.52
CA LYS G 124 -16.74 -3.68 -4.63
C LYS G 124 -15.98 -3.93 -3.33
N ARG G 125 -14.66 -4.01 -3.45
CA ARG G 125 -13.75 -4.27 -2.36
C ARG G 125 -13.01 -2.99 -1.97
N ILE G 126 -12.90 -2.76 -0.67
CA ILE G 126 -12.19 -1.62 -0.10
C ILE G 126 -11.25 -2.13 0.96
N THR G 127 -9.98 -1.73 0.90
CA THR G 127 -8.97 -2.19 1.86
C THR G 127 -8.73 -1.10 2.89
N VAL G 128 -8.88 -1.46 4.18
CA VAL G 128 -8.68 -0.52 5.28
C VAL G 128 -7.51 -1.02 6.13
N LYS G 129 -6.47 -0.19 6.24
CA LYS G 129 -5.33 -0.50 7.08
C LYS G 129 -5.23 0.54 8.18
N VAL G 130 -5.14 0.09 9.43
CA VAL G 130 -5.19 0.96 10.60
C VAL G 130 -3.78 1.10 11.18
N ASN G 131 -3.32 2.35 11.31
CA ASN G 131 -2.06 2.66 11.97
C ASN G 131 -2.32 3.07 13.41
N ALA G 132 -1.51 2.55 14.33
CA ALA G 132 -1.61 2.86 15.75
C ALA G 132 -0.25 3.32 16.26
N PRO G 133 0.15 4.54 15.92
CA PRO G 133 1.45 5.03 16.38
C PRO G 133 1.42 5.46 17.83
N TYR G 134 2.59 5.42 18.46
CA TYR G 134 2.74 5.87 19.84
C TYR G 134 2.83 7.39 19.84
N ASN G 135 1.72 8.01 19.49
CA ASN G 135 1.66 9.46 19.31
C ASN G 135 1.34 10.17 20.62
N LYS G 136 0.41 9.65 21.41
CA LYS G 136 0.07 10.24 22.70
C LYS G 136 1.10 9.73 23.71
N ILE G 137 2.04 10.58 24.07
CA ILE G 137 3.10 10.25 25.00
C ILE G 137 2.88 11.09 26.25
N ASN G 138 2.52 10.43 27.34
CA ASN G 138 2.34 11.09 28.62
C ASN G 138 3.60 10.92 29.45
N GLN G 139 4.01 11.99 30.13
CA GLN G 139 5.26 12.03 30.87
C GLN G 139 5.01 12.57 32.27
N ARG G 140 5.91 12.20 33.17
CA ARG G 140 5.95 12.77 34.51
C ARG G 140 7.41 12.89 34.92
N ILE G 141 7.69 13.89 35.75
CA ILE G 141 9.04 14.11 36.25
C ILE G 141 8.98 14.16 37.76
N LEU G 142 9.65 13.20 38.40
CA LEU G 142 9.61 13.01 39.84
C LEU G 142 10.99 13.20 40.47
N VAL G 143 10.99 13.72 41.71
CA VAL G 143 12.20 13.79 42.52
C VAL G 143 12.20 12.58 43.44
N VAL G 144 13.32 11.85 43.45
CA VAL G 144 13.46 10.67 44.31
C VAL G 144 14.25 11.01 45.56
N ASP G 145 15.46 11.53 45.39
CA ASP G 145 16.33 11.86 46.52
C ASP G 145 16.84 13.29 46.40
N PRO G 146 16.29 14.22 47.17
CA PRO G 146 16.77 15.62 47.11
C PRO G 146 18.22 15.76 47.53
N VAL G 147 18.74 14.82 48.32
CA VAL G 147 20.13 14.89 48.77
C VAL G 147 21.09 14.76 47.58
N THR G 148 20.95 13.68 46.81
CA THR G 148 21.78 13.43 45.65
C THR G 148 21.15 13.90 44.35
N SER G 149 20.06 14.66 44.42
CA SER G 149 19.36 15.17 43.24
C SER G 149 18.93 14.03 42.29
N GLU G 150 18.58 12.89 42.87
CA GLU G 150 18.07 11.74 42.13
C GLU G 150 16.63 11.96 41.68
N HIS G 151 16.42 11.99 40.37
CA HIS G 151 15.14 12.15 39.72
C HIS G 151 14.71 10.86 39.02
N GLU G 152 13.39 10.66 38.93
CA GLU G 152 12.77 9.56 38.19
C GLU G 152 11.86 10.15 37.11
N LEU G 153 12.20 9.90 35.85
CA LEU G 153 11.46 10.37 34.68
C LEU G 153 10.64 9.23 34.10
N THR G 154 9.42 9.53 33.68
CA THR G 154 8.53 8.48 33.16
C THR G 154 7.94 8.89 31.82
N CYS G 155 7.94 7.95 30.86
CA CYS G 155 7.28 8.13 29.58
C CYS G 155 6.39 6.93 29.30
N GLN G 156 5.13 7.19 28.95
CA GLN G 156 4.17 6.13 28.73
C GLN G 156 3.38 6.41 27.45
N ALA G 157 3.29 5.40 26.57
CA ALA G 157 2.52 5.53 25.36
C ALA G 157 1.80 4.23 25.05
N GLU G 158 0.74 4.34 24.24
CA GLU G 158 -0.07 3.21 23.82
C GLU G 158 -0.12 3.13 22.30
N GLY G 159 0.12 1.93 21.77
CA GLY G 159 0.16 1.74 20.32
C GLY G 159 0.19 0.27 19.99
N TYR G 160 0.09 -0.04 18.69
CA TYR G 160 -0.03 -1.46 18.37
C TYR G 160 1.29 -2.17 18.09
N PRO G 161 2.12 -1.77 17.12
CA PRO G 161 3.38 -2.50 16.94
C PRO G 161 4.21 -2.39 18.21
N LYS G 162 4.61 -3.54 18.76
CA LYS G 162 5.37 -3.53 20.00
C LYS G 162 6.56 -2.60 19.85
N ALA G 163 6.77 -1.77 20.86
CA ALA G 163 7.74 -0.70 20.75
C ALA G 163 8.68 -0.74 21.94
N GLU G 164 9.79 -0.05 21.77
CA GLU G 164 10.82 0.12 22.77
C GLU G 164 10.99 1.59 23.04
N VAL G 165 11.45 1.91 24.24
CA VAL G 165 11.72 3.28 24.63
C VAL G 165 13.22 3.42 24.71
N ILE G 166 13.76 4.32 23.89
CA ILE G 166 15.19 4.62 23.87
C ILE G 166 15.34 6.02 24.44
N TRP G 167 15.99 6.10 25.59
CA TRP G 167 16.20 7.35 26.28
C TRP G 167 17.49 7.97 25.77
N THR G 168 17.42 9.24 25.40
CA THR G 168 18.58 9.97 24.92
C THR G 168 18.73 11.22 25.76
N SER G 169 19.96 11.69 25.89
CA SER G 169 20.23 12.85 26.72
C SER G 169 20.36 14.06 25.82
N SER G 170 20.41 15.24 26.45
CA SER G 170 20.54 16.47 25.70
C SER G 170 21.83 16.50 24.89
N ASP G 171 22.76 15.59 25.17
CA ASP G 171 24.00 15.45 24.41
C ASP G 171 24.00 14.20 23.53
N HIS G 172 22.81 13.67 23.21
CA HIS G 172 22.65 12.52 22.31
C HIS G 172 23.44 11.30 22.81
N GLN G 173 23.15 10.89 24.05
CA GLN G 173 23.76 9.72 24.65
C GLN G 173 22.65 8.79 25.14
N VAL G 174 22.73 7.52 24.76
CA VAL G 174 21.68 6.56 25.08
C VAL G 174 21.82 6.15 26.54
N LEU G 175 20.73 6.30 27.30
CA LEU G 175 20.68 5.88 28.69
C LEU G 175 19.67 4.75 28.84
N SER G 176 20.00 3.82 29.73
CA SER G 176 19.14 2.66 29.96
C SER G 176 18.07 3.00 31.00
N GLY G 177 16.87 2.49 30.77
CA GLY G 177 15.78 2.69 31.69
C GLY G 177 14.95 1.42 31.77
N LYS G 178 14.12 1.36 32.81
CA LYS G 178 13.29 0.19 33.02
C LYS G 178 12.06 0.35 32.16
N THR G 179 11.82 -0.60 31.27
CA THR G 179 10.68 -0.55 30.38
C THR G 179 9.74 -1.67 30.76
N THR G 180 8.48 -1.32 30.98
CA THR G 180 7.43 -2.24 31.39
C THR G 180 6.43 -2.21 30.24
N THR G 181 6.31 -3.34 29.56
CA THR G 181 5.39 -3.47 28.45
C THR G 181 4.28 -4.38 28.91
N THR G 182 3.06 -3.86 28.94
CA THR G 182 1.92 -4.63 29.39
C THR G 182 0.82 -4.57 28.34
N ASN G 183 -0.23 -5.35 28.57
CA ASN G 183 -1.34 -5.36 27.64
C ASN G 183 -2.25 -4.17 27.91
N SER G 184 -2.84 -3.66 26.84
CA SER G 184 -3.68 -2.47 26.90
C SER G 184 -5.06 -2.82 27.42
N LYS G 185 -5.82 -1.77 27.75
CA LYS G 185 -7.19 -1.91 28.20
C LYS G 185 -8.20 -1.61 27.10
N ARG G 186 -7.99 -0.53 26.34
CA ARG G 186 -8.92 -0.14 25.28
C ARG G 186 -9.12 -1.27 24.27
N GLU G 187 -8.05 -1.95 23.90
CA GLU G 187 -8.11 -3.11 23.02
C GLU G 187 -6.98 -4.04 23.42
N GLU G 188 -7.24 -5.35 23.39
CA GLU G 188 -6.20 -6.28 23.86
C GLU G 188 -5.01 -6.32 22.93
N LYS G 189 -5.22 -6.07 21.62
CA LYS G 189 -4.09 -6.10 20.71
C LYS G 189 -3.22 -4.85 20.82
N LEU G 190 -3.74 -3.78 21.41
CA LEU G 190 -2.93 -2.60 21.68
C LEU G 190 -2.01 -2.86 22.88
N PHE G 191 -0.87 -2.18 22.89
CA PHE G 191 0.12 -2.31 23.96
C PHE G 191 0.29 -1.01 24.72
N ASN G 192 0.55 -1.14 26.03
CA ASN G 192 0.81 -0.03 26.93
C ASN G 192 2.27 -0.11 27.36
N VAL G 193 3.12 0.71 26.77
CA VAL G 193 4.56 0.71 27.06
C VAL G 193 4.86 1.88 28.00
N THR G 194 5.46 1.60 29.15
CA THR G 194 5.86 2.62 30.11
C THR G 194 7.32 2.41 30.51
N SER G 195 8.15 3.44 30.35
CA SER G 195 9.55 3.34 30.74
C SER G 195 9.93 4.45 31.71
N THR G 196 10.72 4.08 32.73
CA THR G 196 11.19 4.99 33.76
C THR G 196 12.72 5.04 33.72
N LEU G 197 13.26 6.25 33.76
CA LEU G 197 14.69 6.53 33.83
C LEU G 197 15.00 7.09 35.21
N ARG G 198 15.94 6.48 35.91
CA ARG G 198 16.32 6.90 37.25
C ARG G 198 17.73 7.48 37.15
N ILE G 199 17.83 8.82 37.08
CA ILE G 199 19.13 9.46 36.93
C ILE G 199 19.23 10.63 37.89
N ASN G 200 20.46 11.03 38.18
CA ASN G 200 20.74 12.21 38.98
C ASN G 200 21.01 13.38 38.05
N THR G 201 20.07 14.33 38.00
CA THR G 201 20.18 15.46 37.10
C THR G 201 19.96 16.76 37.87
N THR G 202 20.06 17.88 37.17
CA THR G 202 19.89 19.20 37.75
C THR G 202 18.74 19.92 37.06
N THR G 203 18.42 21.10 37.59
CA THR G 203 17.34 21.92 37.07
C THR G 203 17.66 22.40 35.66
N ASN G 204 16.61 22.49 34.83
CA ASN G 204 16.65 22.98 33.45
C ASN G 204 17.48 22.08 32.53
N GLU G 205 17.62 20.80 32.89
CA GLU G 205 18.27 19.80 32.05
C GLU G 205 17.26 19.04 31.19
N ILE G 206 17.57 18.89 29.91
CA ILE G 206 16.66 18.32 28.92
C ILE G 206 16.97 16.84 28.73
N PHE G 207 15.92 16.01 28.78
CA PHE G 207 16.00 14.58 28.50
C PHE G 207 14.95 14.22 27.46
N TYR G 208 15.19 13.14 26.71
CA TYR G 208 14.29 12.70 25.65
C TYR G 208 13.97 11.22 25.80
N CYS G 209 12.72 10.88 25.49
CA CYS G 209 12.29 9.48 25.36
C CYS G 209 11.70 9.28 23.98
N THR G 210 12.19 8.26 23.27
CA THR G 210 11.78 7.98 21.90
C THR G 210 11.15 6.60 21.83
N PHE G 211 9.94 6.53 21.28
CA PHE G 211 9.23 5.27 21.09
C PHE G 211 9.50 4.79 19.67
N ARG G 212 10.09 3.59 19.56
CA ARG G 212 10.46 3.00 18.28
C ARG G 212 9.85 1.62 18.23
N ARG G 213 8.96 1.39 17.26
CA ARG G 213 8.27 0.10 17.20
C ARG G 213 9.22 -1.00 16.73
N LEU G 214 9.11 -2.16 17.36
CA LEU G 214 10.00 -3.28 17.05
C LEU G 214 9.74 -3.80 15.64
N ASP G 215 10.82 -4.09 14.92
CA ASP G 215 10.76 -4.62 13.55
C ASP G 215 9.72 -3.94 12.68
N GLU G 218 7.83 4.58 12.09
CA GLU G 218 8.66 5.72 12.45
C GLU G 218 8.82 5.84 13.96
N ASN G 219 9.34 6.98 14.42
CA ASN G 219 9.62 7.19 15.83
C ASN G 219 8.94 8.46 16.30
N HIS G 220 8.69 8.52 17.60
CA HIS G 220 8.07 9.69 18.22
C HIS G 220 8.81 9.97 19.52
N THR G 221 9.16 11.24 19.75
CA THR G 221 9.99 11.59 20.89
C THR G 221 9.34 12.71 21.69
N ALA G 222 9.41 12.59 23.02
CA ALA G 222 8.92 13.61 23.94
C ALA G 222 10.09 14.33 24.61
N GLU G 223 9.81 15.53 25.10
CA GLU G 223 10.80 16.39 25.74
C GLU G 223 10.48 16.51 27.22
N LEU G 224 11.51 16.29 28.06
CA LEU G 224 11.36 16.42 29.50
C LEU G 224 12.34 17.48 29.99
N VAL G 225 11.82 18.44 30.73
CA VAL G 225 12.60 19.54 31.32
C VAL G 225 12.43 19.47 32.82
N ILE G 226 13.54 19.42 33.54
CA ILE G 226 13.50 19.25 35.00
C ILE G 226 12.84 20.47 35.63
N PRO G 227 11.88 20.29 36.56
CA PRO G 227 11.18 21.44 37.15
C PRO G 227 12.03 22.22 38.15
N GLU G 228 11.45 23.26 38.72
CA GLU G 228 12.16 24.11 39.67
C GLU G 228 12.08 23.53 41.08
N ASN H 4 -38.91 -7.15 13.78
CA ASN H 4 -39.27 -8.53 13.43
C ASN H 4 -38.04 -9.29 12.98
N LEU H 5 -37.76 -10.43 13.62
CA LEU H 5 -36.57 -11.19 13.30
C LEU H 5 -36.68 -11.86 11.93
N LEU H 6 -37.83 -12.48 11.64
CA LEU H 6 -37.97 -13.27 10.43
C LEU H 6 -37.86 -12.42 9.16
N THR H 7 -38.46 -11.23 9.17
CA THR H 7 -38.35 -10.34 8.01
C THR H 7 -36.91 -9.86 7.82
N SER H 8 -36.25 -9.56 8.93
CA SER H 8 -34.82 -9.26 8.89
C SER H 8 -34.04 -10.40 8.24
N TYR H 9 -34.35 -11.64 8.62
CA TYR H 9 -33.68 -12.79 8.02
C TYR H 9 -33.99 -12.92 6.53
N GLU H 10 -35.21 -12.58 6.12
CA GLU H 10 -35.56 -12.56 4.70
C GLU H 10 -34.60 -11.65 3.93
N GLY H 11 -34.45 -10.42 4.42
CA GLY H 11 -33.51 -9.50 3.78
C GLY H 11 -32.09 -10.03 3.77
N SER H 12 -31.67 -10.62 4.89
CA SER H 12 -30.32 -11.17 5.01
C SER H 12 -30.05 -12.23 3.94
N PHE H 13 -30.99 -13.18 3.81
CA PHE H 13 -30.81 -14.26 2.85
C PHE H 13 -30.75 -13.72 1.42
N LYS H 14 -31.63 -12.78 1.09
CA LYS H 14 -31.61 -12.21 -0.26
C LYS H 14 -30.26 -11.59 -0.57
N ILE H 15 -29.72 -10.80 0.36
CA ILE H 15 -28.45 -10.12 0.11
C ILE H 15 -27.31 -11.12 -0.06
N GLN H 16 -27.27 -12.15 0.79
CA GLN H 16 -26.19 -13.14 0.69
C GLN H 16 -26.26 -13.90 -0.64
N LEU H 17 -27.47 -14.22 -1.10
CA LEU H 17 -27.61 -14.88 -2.40
C LEU H 17 -27.09 -13.99 -3.53
N ILE H 18 -27.47 -12.70 -3.51
CA ILE H 18 -26.98 -11.77 -4.53
C ILE H 18 -25.45 -11.71 -4.50
N LEU H 19 -24.87 -11.69 -3.30
CA LEU H 19 -23.41 -11.59 -3.17
C LEU H 19 -22.71 -12.80 -3.79
N ALA H 20 -23.24 -14.00 -3.55
CA ALA H 20 -22.64 -15.19 -4.15
C ALA H 20 -22.76 -15.17 -5.66
N LYS H 21 -23.93 -14.77 -6.18
CA LYS H 21 -24.11 -14.70 -7.62
C LYS H 21 -23.13 -13.74 -8.26
N LEU H 22 -22.85 -12.60 -7.60
CA LEU H 22 -21.88 -11.65 -8.13
C LEU H 22 -20.45 -12.13 -7.97
N GLU H 23 -20.13 -12.80 -6.87
CA GLU H 23 -18.78 -13.30 -6.67
C GLU H 23 -18.41 -14.39 -7.67
N LEU H 24 -19.41 -15.08 -8.24
CA LEU H 24 -19.08 -16.03 -9.30
C LEU H 24 -18.80 -15.34 -10.64
N ALA H 25 -19.37 -14.16 -10.87
CA ALA H 25 -19.18 -13.45 -12.12
C ALA H 25 -17.82 -12.76 -12.19
N LYS H 26 -17.39 -12.14 -11.10
CA LYS H 26 -16.09 -11.46 -11.06
C LYS H 26 -14.93 -12.41 -10.82
N ALA H 27 -15.20 -13.66 -10.45
CA ALA H 27 -14.13 -14.59 -10.13
C ALA H 27 -13.21 -14.90 -11.31
N PRO H 28 -13.71 -15.31 -12.48
CA PRO H 28 -12.77 -15.73 -13.55
C PRO H 28 -11.85 -14.62 -14.03
N SER H 29 -12.31 -13.37 -14.04
CA SER H 29 -11.48 -12.26 -14.47
C SER H 29 -10.53 -11.76 -13.39
N GLN H 30 -10.69 -12.23 -12.16
CA GLN H 30 -9.83 -11.77 -11.07
C GLN H 30 -8.47 -12.46 -11.11
N PRO H 31 -7.45 -11.84 -10.52
CA PRO H 31 -6.18 -12.53 -10.35
C PRO H 31 -6.37 -13.82 -9.56
N LEU H 32 -5.57 -14.84 -9.92
CA LEU H 32 -5.72 -16.15 -9.32
C LEU H 32 -5.60 -16.09 -7.80
N SER H 33 -4.60 -15.35 -7.30
CA SER H 33 -4.41 -15.24 -5.85
C SER H 33 -5.63 -14.60 -5.20
N GLN H 34 -6.24 -13.61 -5.85
CA GLN H 34 -7.46 -13.00 -5.35
C GLN H 34 -8.68 -13.86 -5.63
N ARG H 35 -8.68 -14.54 -6.78
CA ARG H 35 -9.85 -15.31 -7.19
C ARG H 35 -10.11 -16.47 -6.24
N ASN H 36 -9.05 -17.18 -5.82
CA ASN H 36 -9.25 -18.33 -4.95
C ASN H 36 -9.73 -17.91 -3.56
N GLU H 37 -9.28 -16.74 -3.09
CA GLU H 37 -9.85 -16.18 -1.88
C GLU H 37 -11.35 -15.92 -2.06
N GLU H 38 -11.74 -15.37 -3.20
CA GLU H 38 -13.16 -15.15 -3.46
C GLU H 38 -13.93 -16.47 -3.51
N LEU H 39 -13.31 -17.52 -4.05
CA LEU H 39 -13.98 -18.81 -4.14
C LEU H 39 -14.20 -19.43 -2.77
N LYS H 40 -13.20 -19.36 -1.89
CA LYS H 40 -13.39 -19.81 -0.52
C LYS H 40 -14.43 -18.97 0.20
N ARG H 41 -14.50 -17.67 -0.12
CA ARG H 41 -15.56 -16.84 0.40
C ARG H 41 -16.94 -17.33 -0.05
N VAL H 42 -17.04 -17.78 -1.31
CA VAL H 42 -18.30 -18.32 -1.80
C VAL H 42 -18.67 -19.58 -1.03
N GLU H 43 -17.67 -20.42 -0.72
CA GLU H 43 -17.93 -21.61 0.09
C GLU H 43 -18.52 -21.25 1.45
N GLN H 44 -17.88 -20.29 2.13
CA GLN H 44 -18.41 -19.81 3.41
C GLN H 44 -19.84 -19.31 3.25
N ARG H 45 -20.08 -18.45 2.26
CA ARG H 45 -21.39 -17.83 2.07
C ARG H 45 -22.47 -18.86 1.76
N GLN H 46 -22.12 -19.89 0.98
CA GLN H 46 -23.10 -20.91 0.62
C GLN H 46 -23.52 -21.74 1.83
N ASP H 47 -22.54 -22.13 2.64
CA ASP H 47 -22.87 -22.80 3.91
C ASP H 47 -23.82 -21.95 4.74
N ARG H 48 -23.52 -20.64 4.83
CA ARG H 48 -24.36 -19.74 5.62
C ARG H 48 -25.78 -19.62 5.03
N LEU H 49 -25.92 -19.72 3.71
CA LEU H 49 -27.24 -19.69 3.09
C LEU H 49 -28.10 -20.87 3.54
N PHE H 50 -27.52 -22.07 3.51
CA PHE H 50 -28.21 -23.25 4.03
C PHE H 50 -28.64 -23.03 5.49
N ASP H 51 -27.70 -22.53 6.30
CA ASP H 51 -27.99 -22.22 7.70
C ASP H 51 -29.16 -21.25 7.84
N LEU H 52 -29.21 -20.25 6.96
CA LEU H 52 -30.29 -19.24 7.02
C LEU H 52 -31.65 -19.87 6.80
N LEU H 53 -31.78 -20.72 5.78
CA LEU H 53 -33.04 -21.44 5.57
C LEU H 53 -33.46 -22.18 6.84
N ASP H 54 -32.51 -22.92 7.43
CA ASP H 54 -32.85 -23.72 8.61
C ASP H 54 -33.28 -22.85 9.79
N GLN H 55 -32.63 -21.70 9.99
CA GLN H 55 -33.03 -20.81 11.08
C GLN H 55 -34.42 -20.21 10.85
N MET H 56 -34.71 -19.82 9.61
CA MET H 56 -35.97 -19.14 9.34
C MET H 56 -37.15 -20.09 9.52
N ASP H 57 -36.94 -21.40 9.35
CA ASP H 57 -37.99 -22.36 9.74
C ASP H 57 -38.36 -22.23 11.21
N VAL H 58 -37.35 -22.29 12.10
CA VAL H 58 -37.61 -22.27 13.54
C VAL H 58 -38.33 -20.99 13.94
N GLU H 59 -37.88 -19.85 13.40
CA GLU H 59 -38.47 -18.59 13.85
C GLU H 59 -39.94 -18.49 13.49
N VAL H 60 -40.36 -19.08 12.37
CA VAL H 60 -41.79 -19.14 12.06
C VAL H 60 -42.49 -20.06 13.03
N ASN H 61 -41.86 -21.19 13.37
CA ASN H 61 -42.50 -22.11 14.31
C ASN H 61 -42.67 -21.49 15.70
N ASN H 62 -41.93 -20.44 16.01
CA ASN H 62 -42.05 -19.74 17.29
C ASN H 62 -42.91 -18.47 17.23
N SER H 63 -43.03 -17.84 16.07
CA SER H 63 -43.83 -16.62 15.96
C SER H 63 -45.23 -16.92 15.44
N THR H 72 -47.94 -21.17 3.85
CA THR H 72 -47.58 -19.90 3.24
C THR H 72 -46.06 -19.71 3.22
N TYR H 73 -45.40 -20.05 4.33
CA TYR H 73 -43.96 -19.85 4.46
C TYR H 73 -43.16 -21.14 4.45
N LYS H 74 -43.77 -22.27 4.82
CA LYS H 74 -43.01 -23.51 5.00
C LYS H 74 -42.43 -24.02 3.69
N ALA H 75 -43.19 -23.95 2.60
CA ALA H 75 -42.73 -24.47 1.32
C ALA H 75 -41.80 -23.50 0.60
N LYS H 76 -41.90 -22.21 0.94
CA LYS H 76 -41.09 -21.18 0.29
C LYS H 76 -39.60 -21.39 0.56
N LEU H 77 -39.26 -22.06 1.66
CA LEU H 77 -37.86 -22.41 1.92
C LEU H 77 -37.47 -23.71 1.24
N ARG H 78 -38.42 -24.64 1.15
CA ARG H 78 -38.19 -25.90 0.44
C ARG H 78 -37.73 -25.65 -0.98
N GLU H 79 -38.31 -24.65 -1.65
CA GLU H 79 -37.84 -24.31 -3.00
C GLU H 79 -36.44 -23.68 -2.96
N TRP H 80 -36.19 -22.82 -1.97
CA TRP H 80 -34.92 -22.08 -1.93
C TRP H 80 -33.72 -23.00 -1.78
N LYS H 81 -33.91 -24.14 -1.11
CA LYS H 81 -32.79 -25.08 -0.97
C LYS H 81 -32.26 -25.53 -2.33
N LYS H 82 -33.15 -26.01 -3.20
CA LYS H 82 -32.74 -26.40 -4.54
C LYS H 82 -32.22 -25.23 -5.35
N THR H 83 -32.79 -24.03 -5.14
CA THR H 83 -32.21 -22.85 -5.79
C THR H 83 -30.73 -22.71 -5.44
N ILE H 84 -30.41 -22.82 -4.15
CA ILE H 84 -29.01 -22.70 -3.71
C ILE H 84 -28.14 -23.75 -4.41
N GLN H 85 -28.58 -25.00 -4.37
CA GLN H 85 -27.76 -26.07 -4.94
C GLN H 85 -27.55 -25.90 -6.44
N SER H 86 -28.56 -25.40 -7.16
CA SER H 86 -28.43 -25.26 -8.60
C SER H 86 -27.59 -24.05 -8.99
N ASP H 87 -27.61 -22.98 -8.18
CA ASP H 87 -26.95 -21.73 -8.57
C ASP H 87 -25.65 -21.46 -7.83
N ILE H 88 -25.32 -22.23 -6.80
CA ILE H 88 -24.11 -21.95 -6.02
C ILE H 88 -23.17 -23.14 -6.03
N LYS H 89 -23.64 -24.28 -5.51
CA LYS H 89 -22.75 -25.41 -5.29
C LYS H 89 -22.32 -26.05 -6.60
N ARG H 90 -23.26 -26.29 -7.50
CA ARG H 90 -22.92 -26.91 -8.78
C ARG H 90 -21.98 -26.06 -9.63
N PRO H 91 -22.22 -24.76 -9.83
CA PRO H 91 -21.24 -23.95 -10.58
C PRO H 91 -19.90 -23.83 -9.87
N LEU H 92 -19.85 -24.05 -8.56
CA LEU H 92 -18.61 -23.94 -7.80
C LEU H 92 -17.69 -25.13 -8.07
#